data_7P56
#
_entry.id   7P56
#
_cell.length_a   42.915
_cell.length_b   87.585
_cell.length_c   88.121
_cell.angle_alpha   90.000
_cell.angle_beta   98.140
_cell.angle_gamma   90.000
#
_symmetry.space_group_name_H-M   'P 1 21 1'
#
loop_
_entity.id
_entity.type
_entity.pdbx_description
1 polymer 'Variant surface glycoprotein MITAT 1.2'
2 branched beta-D-mannopyranose-(1-4)-2-acetamido-2-deoxy-beta-D-glucopyranose-(1-4)-2-acetamido-2-deoxy-beta-D-glucopyranose
3 branched alpha-D-mannopyranose-(1-6)-beta-D-mannopyranose-(1-4)-2-acetamido-2-deoxy-beta-D-glucopyranose-(1-4)-2-acetamido-2-deoxy-beta-D-glucopyranose
4 non-polymer 'CALCIUM ION'
5 water water
#
_entity_poly.entity_id   1
_entity_poly.type   'polypeptide(L)'
_entity_poly.pdbx_seq_one_letter_code
;MPSNQEARLFLAVLVLAQVLPILVDSAAEKGFKQAFWQPLCQVSEELDDQPKGALFTLQAAASKIQKMRDAALRASIYAE
INHGTNRAKAAVIVANHYAMKADSGLEALKQTLSSQEVTATATASYLKGRIDEYLNLLLQTKESGTSGCMMDTSGTNTVT
KAGGTIGGVPCKLQLSPIQPKRPAATYLGKAGYVGLTRQADAANNFHDNDAECRLASGHNTNGLGKSGQLSAAVTMAAGY
VTVANSQTAVTVQALDALQEASGAAHQPWIDAWKAKKALTGAETAEFRNETAGIAGKTGVTKLVEEALLKKKDSEASEIQ
TELKKYFSGHENEQWTAIEKLISEQPVAQNLVGDNQPTKLGELEGNAKLTTILAYYRMETAGKFEVLTQKHKPAESQQQA
AETEGSCNKKDQNECKSPCKWHNDAENKKCTLDKEEAKKVADETAKDGKTGNTNTTGSSNSFVISKTPLWLAVLLF
;
_entity_poly.pdbx_strand_id   A,B
#
loop_
_chem_comp.id
_chem_comp.type
_chem_comp.name
_chem_comp.formula
BMA D-saccharide, beta linking beta-D-mannopyranose 'C6 H12 O6'
CA non-polymer 'CALCIUM ION' 'Ca 2'
MAN D-saccharide, alpha linking alpha-D-mannopyranose 'C6 H12 O6'
NAG D-saccharide, beta linking 2-acetamido-2-deoxy-beta-D-glucopyranose 'C8 H15 N O6'
#
# COMPACT_ATOMS: atom_id res chain seq x y z
N ALA A 27 9.77 -23.22 34.05
CA ALA A 27 8.70 -24.10 34.58
C ALA A 27 7.39 -23.67 33.96
N ALA A 28 6.47 -24.62 33.77
CA ALA A 28 5.17 -24.27 33.22
C ALA A 28 4.52 -23.14 34.01
N GLU A 29 3.77 -22.30 33.30
CA GLU A 29 2.92 -21.24 33.85
C GLU A 29 3.70 -20.02 34.33
N LYS A 30 4.96 -19.89 33.98
CA LYS A 30 5.75 -18.75 34.43
C LYS A 30 5.99 -17.80 33.27
N GLY A 31 6.40 -16.58 33.63
CA GLY A 31 6.64 -15.55 32.64
C GLY A 31 7.68 -15.96 31.61
N PHE A 32 7.70 -15.24 30.50
CA PHE A 32 8.41 -15.65 29.30
C PHE A 32 9.78 -14.97 29.22
N LYS A 33 10.82 -15.78 29.14
CA LYS A 33 12.17 -15.26 28.94
C LYS A 33 12.34 -14.75 27.51
N GLN A 34 13.45 -14.03 27.29
CA GLN A 34 13.65 -13.31 26.03
C GLN A 34 13.71 -14.26 24.83
N ALA A 35 14.12 -15.51 25.03
CA ALA A 35 14.15 -16.45 23.92
C ALA A 35 12.78 -16.60 23.27
N PHE A 36 11.71 -16.40 24.04
CA PHE A 36 10.35 -16.52 23.52
C PHE A 36 9.96 -15.28 22.72
N TRP A 37 10.14 -14.09 23.29
CA TRP A 37 9.53 -12.93 22.66
C TRP A 37 10.46 -12.14 21.76
N GLN A 38 11.78 -12.27 21.89
CA GLN A 38 12.67 -11.57 20.97
C GLN A 38 12.43 -11.98 19.51
N PRO A 39 12.24 -13.26 19.17
CA PRO A 39 11.93 -13.58 17.77
C PRO A 39 10.67 -12.89 17.28
N LEU A 40 9.68 -12.68 18.17
CA LEU A 40 8.48 -11.95 17.76
C LEU A 40 8.77 -10.46 17.52
N CYS A 41 9.60 -9.85 18.38
CA CYS A 41 10.05 -8.48 18.12
C CYS A 41 10.73 -8.36 16.76
N GLN A 42 11.61 -9.31 16.43
CA GLN A 42 12.31 -9.23 15.16
C GLN A 42 11.31 -9.26 14.00
N VAL A 43 10.28 -10.10 14.10
CA VAL A 43 9.28 -10.15 13.05
C VAL A 43 8.50 -8.84 12.99
N SER A 44 8.04 -8.36 14.15
CA SER A 44 7.31 -7.09 14.21
C SER A 44 8.11 -5.95 13.57
N GLU A 45 9.41 -5.89 13.86
CA GLU A 45 10.24 -4.84 13.31
C GLU A 45 10.36 -4.96 11.79
N GLU A 46 10.41 -6.18 11.27
CA GLU A 46 10.57 -6.34 9.83
C GLU A 46 9.25 -6.07 9.10
N LEU A 47 8.13 -6.51 9.68
CA LEU A 47 6.81 -6.16 9.15
C LEU A 47 6.62 -4.65 9.06
N ASP A 48 7.18 -3.90 10.02
CA ASP A 48 7.13 -2.44 9.98
C ASP A 48 7.68 -1.88 8.66
N ASP A 49 8.63 -2.58 8.05
CA ASP A 49 9.26 -2.09 6.83
C ASP A 49 8.51 -2.46 5.56
N GLN A 50 7.52 -3.34 5.66
CA GLN A 50 6.79 -3.72 4.45
C GLN A 50 6.05 -2.55 3.81
N PRO A 51 5.39 -1.65 4.55
CA PRO A 51 4.79 -0.48 3.87
C PRO A 51 5.84 0.39 3.22
N LYS A 52 7.03 0.47 3.82
CA LYS A 52 8.11 1.24 3.24
C LYS A 52 8.56 0.62 1.93
N GLY A 53 8.68 -0.70 1.89
CA GLY A 53 9.08 -1.38 0.68
C GLY A 53 8.00 -1.36 -0.39
N ALA A 54 6.73 -1.36 0.02
CA ALA A 54 5.66 -1.19 -0.97
C ALA A 54 5.72 0.18 -1.61
N LEU A 55 5.90 1.23 -0.79
CA LEU A 55 6.01 2.56 -1.36
C LEU A 55 7.23 2.64 -2.28
N PHE A 56 8.37 2.10 -1.85
CA PHE A 56 9.56 2.06 -2.70
C PHE A 56 9.27 1.39 -4.04
N THR A 57 8.63 0.22 -4.01
CA THR A 57 8.39 -0.52 -5.24
C THR A 57 7.42 0.20 -6.17
N LEU A 58 6.39 0.83 -5.61
CA LEU A 58 5.47 1.59 -6.45
C LEU A 58 6.17 2.78 -7.08
N GLN A 59 7.03 3.45 -6.33
CA GLN A 59 7.77 4.58 -6.88
C GLN A 59 8.85 4.12 -7.85
N ALA A 60 9.47 2.97 -7.57
CA ALA A 60 10.48 2.44 -8.49
C ALA A 60 9.85 2.05 -9.82
N ALA A 61 8.67 1.43 -9.78
CA ALA A 61 7.97 1.08 -11.01
C ALA A 61 7.63 2.34 -11.80
N ALA A 62 7.13 3.37 -11.11
CA ALA A 62 6.85 4.64 -11.78
C ALA A 62 8.12 5.23 -12.37
N SER A 63 9.23 5.17 -11.64
CA SER A 63 10.50 5.71 -12.14
C SER A 63 10.94 5.01 -13.42
N LYS A 64 10.77 3.68 -13.48
CA LYS A 64 11.19 2.95 -14.67
C LYS A 64 10.32 3.29 -15.87
N ILE A 65 9.01 3.40 -15.65
CA ILE A 65 8.09 3.89 -16.69
C ILE A 65 8.57 5.23 -17.22
N GLN A 66 8.89 6.15 -16.30
CA GLN A 66 9.32 7.48 -16.70
C GLN A 66 10.61 7.42 -17.52
N LYS A 67 11.53 6.52 -17.15
CA LYS A 67 12.76 6.38 -17.93
C LYS A 67 12.48 5.82 -19.32
N MET A 68 11.57 4.85 -19.42
CA MET A 68 11.14 4.38 -20.75
C MET A 68 10.55 5.53 -21.54
N ARG A 69 9.63 6.29 -20.94
CA ARG A 69 9.02 7.42 -21.64
C ARG A 69 10.05 8.45 -22.05
N ASP A 70 11.02 8.75 -21.19
CA ASP A 70 12.09 9.67 -21.56
C ASP A 70 12.82 9.19 -22.81
N ALA A 71 13.15 7.90 -22.86
CA ALA A 71 13.89 7.38 -24.02
C ALA A 71 13.03 7.44 -25.27
N ALA A 72 11.72 7.19 -25.13
CA ALA A 72 10.82 7.37 -26.25
C ALA A 72 10.78 8.82 -26.70
N LEU A 73 10.78 9.75 -25.75
CA LEU A 73 10.70 11.15 -26.10
C LEU A 73 11.99 11.61 -26.78
N ARG A 74 13.14 11.14 -26.29
CA ARG A 74 14.40 11.54 -26.93
C ARG A 74 14.45 11.06 -28.38
N ALA A 75 14.00 9.82 -28.63
CA ALA A 75 14.02 9.28 -29.97
C ALA A 75 13.05 10.02 -30.89
N SER A 76 11.85 10.34 -30.40
CA SER A 76 10.90 11.12 -31.19
C SER A 76 11.45 12.51 -31.51
N ILE A 77 12.11 13.14 -30.55
CA ILE A 77 12.71 14.44 -30.81
C ILE A 77 13.78 14.30 -31.88
N TYR A 78 14.61 13.26 -31.78
CA TYR A 78 15.66 13.06 -32.78
C TYR A 78 15.05 12.90 -34.18
N ALA A 79 13.95 12.15 -34.27
CA ALA A 79 13.29 11.95 -35.57
C ALA A 79 12.65 13.24 -36.07
N GLU A 80 12.18 14.11 -35.17
CA GLU A 80 11.66 15.41 -35.61
C GLU A 80 12.78 16.31 -36.12
N ILE A 81 13.91 16.33 -35.41
CA ILE A 81 15.00 17.21 -35.80
C ILE A 81 15.60 16.77 -37.12
N ASN A 82 15.69 15.45 -37.34
CA ASN A 82 16.38 14.90 -38.49
C ASN A 82 15.41 14.30 -39.50
N HIS A 83 14.20 14.86 -39.60
CA HIS A 83 13.15 14.26 -40.42
C HIS A 83 13.60 14.06 -41.86
N GLY A 84 13.26 12.92 -42.43
CA GLY A 84 13.57 12.64 -43.82
C GLY A 84 14.90 11.94 -44.05
N THR A 85 15.51 11.39 -43.01
CA THR A 85 16.75 10.62 -43.13
C THR A 85 16.52 9.20 -42.62
N ASN A 86 17.40 8.29 -43.05
CA ASN A 86 17.26 6.90 -42.63
C ASN A 86 17.40 6.74 -41.13
N ARG A 87 18.26 7.56 -40.49
CA ARG A 87 18.38 7.47 -39.04
C ARG A 87 17.14 8.01 -38.33
N ALA A 88 16.48 9.01 -38.92
CA ALA A 88 15.21 9.46 -38.35
C ALA A 88 14.20 8.33 -38.32
N LYS A 89 14.10 7.58 -39.43
CA LYS A 89 13.19 6.45 -39.50
C LYS A 89 13.60 5.36 -38.53
N ALA A 90 14.91 5.20 -38.29
CA ALA A 90 15.36 4.31 -37.22
C ALA A 90 14.90 4.83 -35.85
N ALA A 91 14.98 6.14 -35.64
CA ALA A 91 14.58 6.72 -34.37
C ALA A 91 13.08 6.56 -34.13
N VAL A 92 12.27 6.59 -35.19
CA VAL A 92 10.83 6.36 -35.02
C VAL A 92 10.58 4.94 -34.51
N ILE A 93 11.33 3.97 -35.01
CA ILE A 93 11.21 2.60 -34.51
C ILE A 93 11.61 2.53 -33.05
N VAL A 94 12.73 3.17 -32.70
CA VAL A 94 13.17 3.21 -31.30
C VAL A 94 12.11 3.89 -30.43
N ALA A 95 11.59 5.01 -30.89
CA ALA A 95 10.62 5.74 -30.08
C ALA A 95 9.38 4.89 -29.81
N ASN A 96 8.88 4.22 -30.86
CA ASN A 96 7.70 3.38 -30.71
C ASN A 96 7.95 2.25 -29.71
N HIS A 97 9.13 1.65 -29.78
CA HIS A 97 9.53 0.60 -28.85
C HIS A 97 9.42 1.08 -27.40
N TYR A 98 10.12 2.17 -27.08
CA TYR A 98 10.14 2.63 -25.69
C TYR A 98 8.79 3.17 -25.26
N ALA A 99 8.04 3.79 -26.17
CA ALA A 99 6.67 4.18 -25.84
C ALA A 99 5.84 2.96 -25.44
N MET A 100 5.96 1.87 -26.20
CA MET A 100 5.24 0.65 -25.83
C MET A 100 5.76 0.05 -24.53
N LYS A 101 7.05 0.19 -24.24
CA LYS A 101 7.56 -0.26 -22.94
C LYS A 101 6.93 0.57 -21.82
N ALA A 102 6.89 1.89 -21.99
CA ALA A 102 6.25 2.75 -21.00
C ALA A 102 4.77 2.36 -20.83
N ASP A 103 4.07 2.14 -21.94
CA ASP A 103 2.65 1.78 -21.84
C ASP A 103 2.45 0.48 -21.06
N SER A 104 3.30 -0.52 -21.30
CA SER A 104 3.11 -1.83 -20.68
C SER A 104 3.48 -1.80 -19.21
N GLY A 105 4.45 -0.98 -18.83
CA GLY A 105 4.75 -0.79 -17.42
C GLY A 105 3.57 -0.17 -16.67
N LEU A 106 2.90 0.80 -17.27
CA LEU A 106 1.76 1.40 -16.61
C LEU A 106 0.62 0.38 -16.47
N GLU A 107 0.40 -0.43 -17.50
CA GLU A 107 -0.65 -1.45 -17.42
C GLU A 107 -0.31 -2.48 -16.34
N ALA A 108 0.96 -2.86 -16.20
CA ALA A 108 1.37 -3.80 -15.17
C ALA A 108 1.26 -3.17 -13.78
N LEU A 109 1.59 -1.89 -13.65
CA LEU A 109 1.37 -1.18 -12.40
C LEU A 109 -0.11 -1.23 -12.02
N LYS A 110 -0.99 -1.01 -12.99
CA LYS A 110 -2.43 -1.02 -12.73
C LYS A 110 -2.92 -2.42 -12.41
N GLN A 111 -2.56 -3.41 -13.24
CA GLN A 111 -3.21 -4.70 -13.16
C GLN A 111 -2.57 -5.66 -12.16
N THR A 112 -1.30 -5.49 -11.84
CA THR A 112 -0.61 -6.49 -11.01
C THR A 112 0.11 -5.88 -9.82
N LEU A 113 0.97 -4.89 -10.05
CA LEU A 113 1.82 -4.39 -8.96
C LEU A 113 1.00 -3.71 -7.87
N SER A 114 0.00 -2.92 -8.26
CA SER A 114 -0.82 -2.25 -7.27
C SER A 114 -1.42 -3.26 -6.29
N SER A 115 -2.00 -4.32 -6.83
CA SER A 115 -2.61 -5.34 -5.97
C SER A 115 -1.56 -6.03 -5.09
N GLN A 116 -0.42 -6.39 -5.67
CA GLN A 116 0.61 -7.07 -4.89
C GLN A 116 1.07 -6.21 -3.72
N GLU A 117 1.36 -4.93 -3.97
CA GLU A 117 1.95 -4.11 -2.93
C GLU A 117 0.93 -3.71 -1.87
N VAL A 118 -0.32 -3.45 -2.27
CA VAL A 118 -1.36 -3.20 -1.27
C VAL A 118 -1.57 -4.44 -0.41
N THR A 119 -1.62 -5.61 -1.04
CA THR A 119 -1.88 -6.83 -0.27
C THR A 119 -0.73 -7.15 0.67
N ALA A 120 0.53 -6.98 0.23
CA ALA A 120 1.65 -7.18 1.15
C ALA A 120 1.61 -6.17 2.30
N THR A 121 1.35 -4.90 2.00
CA THR A 121 1.25 -3.88 3.06
C THR A 121 0.16 -4.22 4.07
N ALA A 122 -0.99 -4.66 3.59
CA ALA A 122 -2.12 -4.91 4.50
C ALA A 122 -1.86 -6.14 5.36
N THR A 123 -1.48 -7.24 4.73
CA THR A 123 -1.25 -8.46 5.51
C THR A 123 -0.10 -8.29 6.50
N ALA A 124 0.97 -7.58 6.10
CA ALA A 124 2.09 -7.40 7.02
C ALA A 124 1.70 -6.48 8.18
N SER A 125 0.99 -5.39 7.88
CA SER A 125 0.60 -4.44 8.92
C SER A 125 -0.40 -5.06 9.88
N TYR A 126 -1.33 -5.86 9.33
CA TYR A 126 -2.33 -6.54 10.15
C TYR A 126 -1.66 -7.56 11.08
N LEU A 127 -0.77 -8.39 10.53
CA LEU A 127 -0.04 -9.33 11.37
C LEU A 127 0.78 -8.60 12.42
N LYS A 128 1.42 -7.49 12.03
CA LYS A 128 2.19 -6.71 13.00
C LYS A 128 1.31 -6.17 14.11
N GLY A 129 0.10 -5.71 13.77
CA GLY A 129 -0.84 -5.30 14.81
C GLY A 129 -1.17 -6.43 15.77
N ARG A 130 -1.41 -7.63 15.24
CA ARG A 130 -1.72 -8.77 16.12
C ARG A 130 -0.53 -9.09 17.02
N ILE A 131 0.67 -9.10 16.46
CA ILE A 131 1.86 -9.38 17.27
C ILE A 131 2.04 -8.29 18.32
N ASP A 132 1.94 -7.02 17.91
CA ASP A 132 2.28 -5.93 18.82
C ASP A 132 1.30 -5.83 19.98
N GLU A 133 0.01 -6.11 19.73
CA GLU A 133 -0.95 -6.11 20.83
C GLU A 133 -0.60 -7.18 21.87
N TYR A 134 -0.22 -8.36 21.40
CA TYR A 134 0.20 -9.42 22.31
C TYR A 134 1.45 -9.01 23.09
N LEU A 135 2.50 -8.57 22.37
CA LEU A 135 3.73 -8.16 23.05
C LEU A 135 3.47 -7.02 24.02
N ASN A 136 2.68 -6.03 23.62
CA ASN A 136 2.38 -4.91 24.51
C ASN A 136 1.66 -5.36 25.76
N LEU A 137 0.81 -6.39 25.64
CA LEU A 137 0.15 -6.95 26.80
C LEU A 137 1.15 -7.64 27.72
N LEU A 138 2.04 -8.47 27.16
CA LEU A 138 3.08 -9.10 27.95
C LEU A 138 3.93 -8.06 28.67
N LEU A 139 4.33 -7.01 27.94
CA LEU A 139 5.19 -5.97 28.48
C LEU A 139 4.58 -5.36 29.75
N GLN A 140 3.27 -5.13 29.74
CA GLN A 140 2.62 -4.44 30.85
C GLN A 140 2.17 -5.39 31.96
N THR A 141 2.05 -6.68 31.69
CA THR A 141 1.49 -7.60 32.68
C THR A 141 2.62 -8.06 33.57
N LYS A 142 2.81 -7.34 34.68
CA LYS A 142 3.88 -7.64 35.60
C LYS A 142 3.47 -7.14 36.98
N GLU A 143 4.16 -7.64 38.01
CA GLU A 143 3.92 -7.23 39.38
C GLU A 143 5.10 -6.56 40.04
N SER A 144 6.30 -6.70 39.50
CA SER A 144 7.48 -6.12 40.12
C SER A 144 8.60 -6.14 39.09
N GLY A 145 9.76 -5.66 39.52
CA GLY A 145 10.97 -5.73 38.70
C GLY A 145 11.52 -7.12 38.49
N THR A 146 11.03 -8.13 39.22
CA THR A 146 11.52 -9.49 39.04
C THR A 146 10.41 -10.52 38.76
N SER A 147 9.16 -10.08 38.57
CA SER A 147 8.07 -11.04 38.36
C SER A 147 7.06 -10.43 37.41
N GLY A 148 6.89 -11.08 36.27
CA GLY A 148 5.96 -10.60 35.26
C GLY A 148 6.03 -11.46 34.02
N CYS A 149 5.27 -11.06 33.01
CA CYS A 149 5.12 -11.88 31.81
C CYS A 149 6.25 -11.75 30.82
N MET A 150 6.97 -10.64 30.83
CA MET A 150 8.04 -10.41 29.85
C MET A 150 9.35 -10.30 30.60
N MET A 151 10.19 -11.32 30.49
CA MET A 151 11.41 -11.41 31.27
C MET A 151 12.63 -11.33 30.35
N ASP A 152 13.77 -10.99 30.96
CA ASP A 152 15.03 -10.85 30.24
C ASP A 152 15.57 -12.25 29.90
N THR A 153 16.79 -12.31 29.36
CA THR A 153 17.27 -13.57 28.81
C THR A 153 17.43 -14.64 29.89
N SER A 154 17.80 -14.25 31.11
CA SER A 154 18.03 -15.21 32.17
C SER A 154 16.82 -15.40 33.06
N GLY A 155 15.72 -14.69 32.81
CA GLY A 155 14.60 -14.77 33.70
C GLY A 155 14.83 -14.08 35.04
N THR A 156 15.73 -13.10 35.07
CA THR A 156 16.06 -12.42 36.31
C THR A 156 15.11 -11.25 36.56
N ASN A 157 15.05 -10.31 35.61
CA ASN A 157 14.24 -9.10 35.76
C ASN A 157 13.17 -9.03 34.68
N THR A 158 12.07 -8.36 35.00
CA THR A 158 11.12 -7.99 33.95
C THR A 158 11.75 -6.90 33.11
N VAL A 159 11.40 -6.86 31.84
CA VAL A 159 12.01 -5.88 30.95
C VAL A 159 11.13 -4.64 30.88
N THR A 160 11.75 -3.52 30.49
CA THR A 160 11.05 -2.25 30.33
C THR A 160 11.28 -1.75 28.91
N LYS A 161 10.38 -0.89 28.47
CA LYS A 161 10.45 -0.26 27.17
C LYS A 161 11.08 1.12 27.31
N ALA A 162 12.08 1.41 26.48
CA ALA A 162 12.78 2.68 26.50
C ALA A 162 13.04 3.08 25.05
N GLY A 163 12.40 4.15 24.62
CA GLY A 163 12.46 4.48 23.20
C GLY A 163 11.87 3.34 22.40
N GLY A 164 12.62 2.89 21.40
CA GLY A 164 12.13 1.86 20.51
C GLY A 164 12.69 0.49 20.82
N THR A 165 13.15 0.28 22.05
CA THR A 165 13.76 -0.98 22.46
C THR A 165 13.08 -1.51 23.72
N ILE A 166 13.06 -2.83 23.82
CA ILE A 166 12.57 -3.53 25.01
C ILE A 166 13.70 -4.44 25.46
N GLY A 167 14.16 -4.23 26.69
CA GLY A 167 15.32 -4.95 27.17
C GLY A 167 16.51 -4.90 26.22
N GLY A 168 16.69 -3.78 25.53
CA GLY A 168 17.79 -3.66 24.59
C GLY A 168 17.53 -4.24 23.22
N VAL A 169 16.37 -4.86 23.02
CA VAL A 169 15.96 -5.46 21.74
C VAL A 169 15.16 -4.43 20.97
N PRO A 170 15.50 -4.13 19.71
CA PRO A 170 14.62 -3.28 18.88
C PRO A 170 13.22 -3.85 18.81
N CYS A 171 12.23 -3.06 19.25
CA CYS A 171 10.87 -3.54 19.41
C CYS A 171 9.97 -2.35 19.74
N LYS A 172 9.60 -1.58 18.71
CA LYS A 172 8.89 -0.32 18.91
C LYS A 172 7.44 -0.55 19.32
N LEU A 173 6.85 -1.67 18.90
CA LEU A 173 5.43 -1.94 19.12
C LEU A 173 4.55 -0.81 18.57
N GLN A 174 5.01 -0.20 17.47
CA GLN A 174 4.21 0.78 16.78
C GLN A 174 4.60 0.74 15.31
N LEU A 175 3.70 1.26 14.47
CA LEU A 175 3.95 1.44 13.05
C LEU A 175 4.75 2.72 12.86
N SER A 176 5.96 2.59 12.32
CA SER A 176 6.81 3.76 12.11
C SER A 176 6.28 4.63 10.97
N PRO A 177 6.65 5.91 10.95
CA PRO A 177 6.33 6.74 9.78
C PRO A 177 6.83 6.09 8.50
N ILE A 178 6.03 6.18 7.46
CA ILE A 178 6.27 5.45 6.23
C ILE A 178 7.01 6.36 5.26
N GLN A 179 8.25 5.98 4.96
CA GLN A 179 9.10 6.57 3.94
C GLN A 179 9.60 5.42 3.07
N PRO A 180 9.96 5.69 1.83
CA PRO A 180 10.39 4.58 0.95
C PRO A 180 11.67 3.96 1.49
N LYS A 181 11.72 2.63 1.45
CA LYS A 181 12.89 1.87 1.88
C LYS A 181 12.92 0.60 1.06
N ARG A 182 14.11 0.22 0.59
CA ARG A 182 14.21 -0.95 -0.27
C ARG A 182 13.65 -2.18 0.43
N PRO A 183 12.92 -3.04 -0.28
CA PRO A 183 12.35 -4.22 0.38
C PRO A 183 13.46 -5.15 0.85
N ALA A 184 13.28 -5.70 2.05
CA ALA A 184 14.21 -6.68 2.55
C ALA A 184 13.45 -7.85 3.14
N ALA A 185 13.92 -9.05 2.83
CA ALA A 185 13.42 -10.27 3.42
C ALA A 185 14.60 -10.85 4.22
N THR A 186 14.54 -10.68 5.53
CA THR A 186 15.48 -11.29 6.46
C THR A 186 14.79 -12.24 7.43
N TYR A 187 13.90 -11.72 8.28
CA TYR A 187 13.21 -12.59 9.23
C TYR A 187 11.98 -13.25 8.64
N LEU A 188 11.41 -12.69 7.57
CA LEU A 188 10.34 -13.33 6.81
C LEU A 188 10.79 -13.41 5.37
N GLY A 189 10.92 -14.65 4.87
CA GLY A 189 11.47 -14.86 3.55
C GLY A 189 10.69 -15.91 2.78
N LYS A 190 11.34 -16.50 1.79
CA LYS A 190 10.64 -17.39 0.87
C LYS A 190 10.11 -18.64 1.58
N ALA A 191 10.81 -19.15 2.58
CA ALA A 191 10.38 -20.39 3.23
C ALA A 191 9.47 -20.14 4.42
N GLY A 192 9.46 -18.94 4.97
CA GLY A 192 8.67 -18.62 6.14
C GLY A 192 9.42 -17.70 7.06
N TYR A 193 9.15 -17.81 8.36
CA TYR A 193 9.72 -16.95 9.40
C TYR A 193 10.92 -17.69 9.98
N VAL A 194 12.12 -17.27 9.57
CA VAL A 194 13.33 -18.05 9.79
C VAL A 194 13.60 -18.25 11.28
N GLY A 195 13.29 -17.26 12.11
CA GLY A 195 13.57 -17.41 13.52
C GLY A 195 12.49 -18.12 14.31
N LEU A 196 11.38 -18.51 13.68
CA LEU A 196 10.24 -19.11 14.39
C LEU A 196 10.23 -20.62 14.17
N THR A 197 11.23 -21.26 14.77
CA THR A 197 11.44 -22.68 14.60
C THR A 197 10.69 -23.47 15.66
N ARG A 198 10.70 -24.79 15.49
CA ARG A 198 10.07 -25.67 16.46
C ARG A 198 10.79 -25.57 17.81
N GLN A 199 10.02 -25.60 18.89
CA GLN A 199 10.56 -25.53 20.24
C GLN A 199 10.35 -26.88 20.92
N ALA A 200 11.44 -27.53 21.31
CA ALA A 200 11.36 -28.85 21.91
C ALA A 200 11.13 -28.81 23.41
N ASP A 201 11.54 -27.72 24.09
CA ASP A 201 11.49 -27.67 25.55
C ASP A 201 11.09 -26.26 25.99
N ALA A 202 9.81 -25.90 25.74
CA ALA A 202 9.32 -24.59 26.12
C ALA A 202 9.40 -24.37 27.63
N ALA A 203 9.21 -25.42 28.44
CA ALA A 203 9.18 -25.25 29.89
C ALA A 203 10.48 -24.68 30.44
N ASN A 204 11.62 -25.02 29.82
CA ASN A 204 12.91 -24.51 30.26
C ASN A 204 13.44 -23.37 29.40
N ASN A 205 13.11 -23.34 28.10
CA ASN A 205 13.69 -22.35 27.19
C ASN A 205 12.82 -21.11 27.05
N PHE A 206 11.50 -21.25 27.13
CA PHE A 206 10.62 -20.09 27.09
C PHE A 206 10.22 -19.63 28.48
N HIS A 207 9.75 -20.54 29.33
CA HIS A 207 9.27 -20.16 30.64
C HIS A 207 10.41 -19.98 31.64
N ASP A 208 10.30 -18.92 32.44
CA ASP A 208 11.17 -18.68 33.58
C ASP A 208 10.90 -19.71 34.69
N ASN A 209 11.75 -19.71 35.72
CA ASN A 209 11.55 -20.62 36.84
C ASN A 209 10.55 -20.10 37.85
N ASP A 210 10.45 -18.77 38.06
CA ASP A 210 9.58 -18.28 39.13
C ASP A 210 8.76 -17.04 38.80
N ALA A 211 9.02 -16.33 37.72
CA ALA A 211 8.23 -15.15 37.36
C ALA A 211 6.76 -15.53 37.18
N GLU A 212 5.86 -14.79 37.82
CA GLU A 212 4.44 -15.09 37.73
C GLU A 212 3.77 -14.35 36.57
N CYS A 213 2.95 -15.08 35.82
CA CYS A 213 2.31 -14.53 34.62
C CYS A 213 1.03 -15.30 34.38
N ARG A 214 -0.13 -14.65 34.58
CA ARG A 214 -1.38 -15.34 34.34
C ARG A 214 -1.66 -15.55 32.86
N LEU A 215 -0.93 -14.87 31.98
CA LEU A 215 -1.11 -15.11 30.57
C LEU A 215 -0.40 -16.35 30.07
N ALA A 216 0.34 -17.05 30.92
CA ALA A 216 1.08 -18.22 30.50
C ALA A 216 0.27 -19.49 30.55
N SER A 217 -0.95 -19.42 31.06
CA SER A 217 -1.73 -20.62 31.32
C SER A 217 -3.21 -20.25 31.38
N GLY A 218 -4.05 -21.23 31.07
CA GLY A 218 -5.49 -21.10 31.25
C GLY A 218 -6.00 -21.78 32.50
N HIS A 219 -5.12 -22.35 33.31
CA HIS A 219 -5.52 -22.94 34.59
C HIS A 219 -5.75 -21.81 35.59
N ASN A 220 -6.60 -22.03 36.58
CA ASN A 220 -7.06 -20.94 37.43
C ASN A 220 -6.09 -20.59 38.56
N THR A 221 -5.24 -21.53 38.98
CA THR A 221 -4.34 -21.27 40.10
C THR A 221 -3.31 -20.21 39.74
N ASN A 222 -2.62 -20.41 38.62
CA ASN A 222 -1.58 -19.49 38.16
C ASN A 222 -1.91 -18.82 36.83
N GLY A 223 -3.02 -19.17 36.20
CA GLY A 223 -3.32 -18.61 34.88
C GLY A 223 -4.61 -17.82 34.79
N LEU A 224 -5.19 -17.80 33.59
CA LEU A 224 -6.30 -16.89 33.27
C LEU A 224 -7.62 -17.32 33.88
N GLY A 225 -7.76 -18.59 34.24
CA GLY A 225 -9.02 -19.05 34.82
C GLY A 225 -9.29 -18.38 36.16
N LYS A 226 -10.58 -18.20 36.46
CA LYS A 226 -10.94 -17.56 37.72
C LYS A 226 -11.50 -18.60 38.68
N SER A 227 -12.78 -18.93 38.55
CA SER A 227 -13.35 -19.99 39.39
C SER A 227 -12.84 -21.36 38.99
N GLY A 228 -12.42 -21.53 37.74
CA GLY A 228 -11.88 -22.80 37.29
C GLY A 228 -11.10 -22.58 36.02
N GLN A 229 -10.61 -23.67 35.45
CA GLN A 229 -9.85 -23.60 34.21
C GLN A 229 -10.68 -22.99 33.09
N LEU A 230 -10.00 -22.38 32.12
CA LEU A 230 -10.67 -22.01 30.90
C LEU A 230 -11.23 -23.25 30.20
N SER A 231 -12.27 -23.02 29.41
CA SER A 231 -12.97 -24.10 28.71
C SER A 231 -12.07 -24.84 27.72
N ALA A 232 -11.08 -24.15 27.17
CA ALA A 232 -10.27 -24.72 26.12
C ALA A 232 -8.95 -24.00 26.11
N ALA A 233 -8.04 -24.49 25.29
CA ALA A 233 -6.80 -23.77 25.01
C ALA A 233 -7.10 -22.42 24.38
N VAL A 234 -6.21 -21.45 24.58
CA VAL A 234 -6.34 -20.13 23.99
C VAL A 234 -5.10 -19.88 23.12
N THR A 235 -5.30 -19.42 21.90
CA THR A 235 -4.16 -19.06 21.08
C THR A 235 -3.98 -17.54 21.10
N MET A 236 -2.72 -17.11 21.01
CA MET A 236 -2.42 -15.69 21.07
C MET A 236 -1.37 -15.34 20.02
N ALA A 237 -1.27 -14.05 19.74
CA ALA A 237 -0.39 -13.53 18.71
C ALA A 237 -0.74 -14.17 17.37
N ALA A 238 -2.01 -14.02 16.97
CA ALA A 238 -2.48 -14.54 15.69
C ALA A 238 -2.17 -16.02 15.55
N GLY A 239 -2.38 -16.76 16.62
CA GLY A 239 -2.24 -18.20 16.57
C GLY A 239 -0.84 -18.73 16.74
N TYR A 240 0.13 -17.89 17.07
CA TYR A 240 1.50 -18.37 17.20
C TYR A 240 1.66 -19.22 18.46
N VAL A 241 1.15 -18.76 19.59
CA VAL A 241 1.34 -19.47 20.85
C VAL A 241 0.00 -20.05 21.30
N THR A 242 0.02 -21.32 21.70
CA THR A 242 -1.18 -21.98 22.22
C THR A 242 -1.02 -22.16 23.72
N VAL A 243 -1.98 -21.64 24.46
CA VAL A 243 -1.91 -21.58 25.91
C VAL A 243 -2.94 -22.57 26.44
N ALA A 244 -2.44 -23.67 27.01
CA ALA A 244 -3.29 -24.77 27.47
C ALA A 244 -4.09 -24.34 28.69
N ASN A 245 -5.22 -25.03 28.92
CA ASN A 245 -6.02 -24.79 30.12
C ASN A 245 -5.57 -25.65 31.29
N SER A 246 -4.39 -26.25 31.18
CA SER A 246 -3.78 -27.09 32.21
C SER A 246 -2.47 -26.46 32.64
N GLN A 247 -1.86 -27.04 33.67
CA GLN A 247 -0.61 -26.53 34.21
C GLN A 247 0.55 -27.13 33.40
N THR A 248 0.58 -26.77 32.12
CA THR A 248 1.57 -27.26 31.18
C THR A 248 2.13 -26.08 30.40
N ALA A 249 3.34 -26.24 29.90
CA ALA A 249 4.00 -25.19 29.15
C ALA A 249 3.24 -24.87 27.87
N VAL A 250 3.46 -23.64 27.35
CA VAL A 250 2.87 -23.27 26.06
C VAL A 250 3.48 -24.11 24.94
N THR A 251 2.77 -24.19 23.82
CA THR A 251 3.36 -24.68 22.58
C THR A 251 3.32 -23.57 21.53
N VAL A 252 4.31 -23.56 20.64
CA VAL A 252 4.36 -22.55 19.59
C VAL A 252 4.34 -23.26 18.25
N GLN A 253 3.83 -22.54 17.24
CA GLN A 253 3.89 -23.02 15.87
C GLN A 253 5.30 -22.88 15.32
N ALA A 254 5.75 -23.90 14.58
CA ALA A 254 6.92 -23.73 13.74
C ALA A 254 6.49 -23.09 12.42
N LEU A 255 7.00 -21.88 12.14
CA LEU A 255 6.59 -21.10 10.97
C LEU A 255 7.73 -20.89 9.98
N ASP A 256 8.82 -21.66 10.11
CA ASP A 256 9.99 -21.51 9.28
C ASP A 256 9.93 -22.30 7.97
N ALA A 257 8.93 -23.16 7.76
CA ALA A 257 8.83 -23.91 6.48
C ALA A 257 7.35 -24.01 6.09
N LEU A 258 6.82 -22.90 5.59
CA LEU A 258 5.38 -22.74 5.38
C LEU A 258 4.94 -23.31 4.05
N GLN A 259 3.65 -23.66 3.98
CA GLN A 259 2.95 -23.93 2.73
C GLN A 259 1.62 -23.19 2.78
N GLU A 260 0.97 -23.07 1.64
CA GLU A 260 -0.31 -22.37 1.61
C GLU A 260 -1.31 -23.10 2.50
N ALA A 261 -2.18 -22.31 3.13
CA ALA A 261 -3.18 -22.83 4.05
C ALA A 261 -4.39 -21.92 4.05
N SER A 262 -5.52 -22.47 4.49
CA SER A 262 -6.77 -21.74 4.69
C SER A 262 -7.28 -22.03 6.08
N GLY A 263 -7.78 -21.00 6.76
CA GLY A 263 -8.47 -21.20 8.00
C GLY A 263 -7.64 -21.76 9.12
N ALA A 264 -6.32 -21.58 9.09
CA ALA A 264 -5.47 -21.99 10.20
C ALA A 264 -5.66 -21.05 11.38
N ALA A 265 -5.37 -21.55 12.59
CA ALA A 265 -5.37 -20.64 13.74
C ALA A 265 -4.31 -19.56 13.58
N HIS A 266 -3.23 -19.85 12.87
CA HIS A 266 -2.18 -18.89 12.60
C HIS A 266 -2.27 -18.32 11.19
N GLN A 267 -3.48 -18.26 10.64
CA GLN A 267 -3.64 -17.78 9.25
C GLN A 267 -2.99 -16.43 8.97
N PRO A 268 -3.02 -15.43 9.85
CA PRO A 268 -2.38 -14.14 9.49
C PRO A 268 -0.90 -14.29 9.22
N TRP A 269 -0.23 -15.23 9.88
CA TRP A 269 1.17 -15.48 9.57
C TRP A 269 1.31 -15.99 8.15
N ILE A 270 0.44 -16.91 7.75
CA ILE A 270 0.52 -17.48 6.41
C ILE A 270 0.18 -16.43 5.35
N ASP A 271 -0.83 -15.60 5.63
CA ASP A 271 -1.23 -14.57 4.67
C ASP A 271 -0.09 -13.59 4.38
N ALA A 272 0.61 -13.13 5.42
CA ALA A 272 1.69 -12.17 5.19
C ALA A 272 2.85 -12.80 4.45
N TRP A 273 3.17 -14.05 4.79
CA TRP A 273 4.20 -14.80 4.07
C TRP A 273 3.84 -14.96 2.60
N LYS A 274 2.60 -15.40 2.33
CA LYS A 274 2.16 -15.60 0.95
C LYS A 274 2.21 -14.29 0.16
N ALA A 275 1.74 -13.19 0.75
CA ALA A 275 1.71 -11.91 0.04
C ALA A 275 3.12 -11.39 -0.24
N LYS A 276 4.04 -11.56 0.71
CA LYS A 276 5.40 -11.08 0.48
C LYS A 276 6.10 -11.94 -0.56
N LYS A 277 5.81 -13.24 -0.54
CA LYS A 277 6.42 -14.18 -1.46
C LYS A 277 6.02 -13.90 -2.90
N ALA A 278 4.80 -13.38 -3.11
CA ALA A 278 4.27 -13.07 -4.42
C ALA A 278 4.89 -11.83 -5.05
N LEU A 279 5.61 -11.02 -4.26
CA LEU A 279 6.09 -9.75 -4.75
C LEU A 279 7.17 -9.95 -5.81
N THR A 280 6.97 -9.36 -6.98
CA THR A 280 7.95 -9.40 -8.05
C THR A 280 8.78 -8.12 -8.15
N GLY A 281 8.39 -7.09 -7.43
CA GLY A 281 9.04 -5.80 -7.54
C GLY A 281 8.86 -5.21 -8.93
N ALA A 282 9.53 -4.09 -9.14
CA ALA A 282 9.52 -3.48 -10.46
C ALA A 282 10.55 -4.14 -11.36
N GLU A 283 10.58 -5.48 -11.38
CA GLU A 283 11.59 -6.23 -12.11
C GLU A 283 11.02 -7.17 -13.17
N THR A 284 9.71 -7.16 -13.39
CA THR A 284 9.15 -7.96 -14.46
C THR A 284 9.53 -7.36 -15.82
N ALA A 285 9.21 -8.09 -16.88
CA ALA A 285 9.71 -7.75 -18.21
C ALA A 285 9.27 -6.37 -18.65
N GLU A 286 8.11 -5.90 -18.17
CA GLU A 286 7.62 -4.59 -18.59
C GLU A 286 8.56 -3.47 -18.17
N PHE A 287 9.26 -3.64 -17.04
CA PHE A 287 10.09 -2.58 -16.49
C PHE A 287 11.56 -2.76 -16.86
N ARG A 288 11.90 -3.83 -17.55
CA ARG A 288 13.27 -4.17 -17.88
C ARG A 288 13.52 -3.87 -19.35
N ASN A 289 14.73 -3.40 -19.66
CA ASN A 289 15.10 -3.18 -21.04
C ASN A 289 15.44 -4.51 -21.72
N GLU A 290 15.20 -4.55 -23.02
CA GLU A 290 15.27 -5.79 -23.80
C GLU A 290 16.62 -5.91 -24.50
N THR A 291 17.23 -7.09 -24.41
CA THR A 291 18.55 -7.36 -24.99
C THR A 291 18.49 -8.10 -26.31
N ALA A 292 17.30 -8.50 -26.76
CA ALA A 292 17.18 -9.27 -27.98
C ALA A 292 17.58 -8.42 -29.19
N GLY A 293 17.78 -9.10 -30.31
CA GLY A 293 18.00 -8.42 -31.58
C GLY A 293 16.83 -7.53 -31.94
N ILE A 294 17.07 -6.66 -32.92
CA ILE A 294 16.12 -5.60 -33.25
C ILE A 294 14.77 -6.17 -33.62
N ALA A 295 14.76 -7.22 -34.45
CA ALA A 295 13.51 -7.85 -34.85
C ALA A 295 12.73 -8.37 -33.65
N GLY A 296 13.40 -8.73 -32.57
CA GLY A 296 12.75 -9.29 -31.40
C GLY A 296 12.35 -8.30 -30.34
N LYS A 297 12.61 -7.02 -30.55
CA LYS A 297 12.25 -6.00 -29.57
C LYS A 297 10.79 -5.61 -29.73
N THR A 298 10.16 -5.27 -28.61
CA THR A 298 8.75 -4.95 -28.58
C THR A 298 8.38 -3.91 -29.63
N GLY A 299 7.39 -4.24 -30.47
CA GLY A 299 6.83 -3.33 -31.43
C GLY A 299 7.53 -3.28 -32.77
N VAL A 300 8.76 -3.79 -32.88
CA VAL A 300 9.58 -3.52 -34.07
C VAL A 300 8.99 -4.22 -35.30
N THR A 301 8.79 -5.52 -35.20
CA THR A 301 8.36 -6.29 -36.37
C THR A 301 7.01 -5.79 -36.90
N LYS A 302 6.04 -5.56 -36.01
CA LYS A 302 4.73 -5.12 -36.47
C LYS A 302 4.79 -3.74 -37.11
N LEU A 303 5.59 -2.83 -36.53
CA LEU A 303 5.74 -1.50 -37.12
C LEU A 303 6.36 -1.58 -38.51
N VAL A 304 7.41 -2.40 -38.67
CA VAL A 304 8.04 -2.54 -39.97
C VAL A 304 7.07 -3.15 -40.97
N GLU A 305 6.24 -4.08 -40.52
CA GLU A 305 5.22 -4.67 -41.40
C GLU A 305 4.23 -3.60 -41.87
N GLU A 306 3.55 -2.96 -40.93
CA GLU A 306 2.45 -2.08 -41.30
C GLU A 306 2.94 -0.82 -42.01
N ALA A 307 4.04 -0.24 -41.55
CA ALA A 307 4.45 1.07 -42.05
C ALA A 307 5.41 0.99 -43.22
N LEU A 308 6.25 -0.04 -43.27
CA LEU A 308 7.23 -0.16 -44.35
C LEU A 308 6.84 -1.19 -45.40
N LEU A 309 6.02 -2.18 -45.05
CA LEU A 309 5.63 -3.21 -46.00
C LEU A 309 4.11 -3.20 -46.21
N GLN A 320 14.06 -7.98 -41.69
CA GLN A 320 15.50 -8.08 -41.85
C GLN A 320 16.01 -7.18 -42.97
N THR A 321 15.33 -7.23 -44.11
CA THR A 321 15.72 -6.37 -45.23
C THR A 321 15.49 -4.90 -44.89
N GLU A 322 14.29 -4.55 -44.45
CA GLU A 322 13.97 -3.15 -44.17
C GLU A 322 14.81 -2.61 -43.02
N LEU A 323 15.27 -3.48 -42.11
CA LEU A 323 15.96 -2.99 -40.91
C LEU A 323 17.39 -2.56 -41.21
N LYS A 324 18.10 -3.29 -42.07
CA LYS A 324 19.46 -2.90 -42.40
C LYS A 324 19.50 -1.58 -43.15
N LYS A 325 18.38 -1.19 -43.76
CA LYS A 325 18.31 0.12 -44.41
C LYS A 325 18.39 1.28 -43.43
N TYR A 326 18.12 1.06 -42.14
CA TYR A 326 18.00 2.19 -41.22
C TYR A 326 18.90 2.05 -40.00
N PHE A 327 19.15 0.83 -39.55
CA PHE A 327 20.11 0.58 -38.48
C PHE A 327 21.47 0.11 -39.02
N SER A 328 21.58 -0.15 -40.32
CA SER A 328 22.78 -0.76 -40.91
C SER A 328 23.06 -2.14 -40.31
N GLY A 329 22.00 -2.85 -39.95
CA GLY A 329 22.12 -4.12 -39.28
C GLY A 329 20.86 -4.40 -38.48
N HIS A 330 20.86 -5.58 -37.84
CA HIS A 330 19.66 -5.99 -37.12
C HIS A 330 19.96 -6.56 -35.74
N GLU A 331 21.13 -6.28 -35.17
CA GLU A 331 21.46 -6.76 -33.84
C GLU A 331 21.49 -5.60 -32.85
N ASN A 332 21.67 -5.96 -31.58
CA ASN A 332 21.63 -4.97 -30.50
C ASN A 332 22.74 -3.94 -30.64
N GLU A 333 23.89 -4.32 -31.22
CA GLU A 333 24.98 -3.38 -31.41
C GLU A 333 24.57 -2.22 -32.31
N GLN A 334 23.79 -2.49 -33.36
CA GLN A 334 23.32 -1.39 -34.20
C GLN A 334 22.24 -0.56 -33.51
N TRP A 335 21.41 -1.20 -32.69
CA TRP A 335 20.43 -0.45 -31.92
C TRP A 335 21.11 0.52 -30.96
N THR A 336 22.17 0.05 -30.28
CA THR A 336 22.92 0.90 -29.36
C THR A 336 23.54 2.07 -30.11
N ALA A 337 23.99 1.86 -31.35
CA ALA A 337 24.60 2.94 -32.12
C ALA A 337 23.58 4.04 -32.42
N ILE A 338 22.34 3.67 -32.70
CA ILE A 338 21.30 4.66 -32.94
C ILE A 338 20.97 5.40 -31.65
N GLU A 339 20.89 4.69 -30.54
CA GLU A 339 20.65 5.34 -29.25
C GLU A 339 21.76 6.31 -28.90
N LYS A 340 23.00 6.00 -29.27
CA LYS A 340 24.10 6.92 -29.04
C LYS A 340 23.96 8.19 -29.87
N LEU A 341 23.56 8.05 -31.14
CA LEU A 341 23.30 9.22 -31.96
C LEU A 341 22.15 10.04 -31.40
N ILE A 342 21.11 9.37 -30.92
CA ILE A 342 20.00 10.06 -30.29
C ILE A 342 20.48 10.84 -29.07
N SER A 343 21.27 10.18 -28.21
CA SER A 343 21.68 10.79 -26.95
C SER A 343 22.58 11.99 -27.15
N GLU A 344 23.43 11.96 -28.18
CA GLU A 344 24.34 13.05 -28.45
C GLU A 344 23.71 14.18 -29.26
N GLN A 345 22.45 14.07 -29.64
CA GLN A 345 21.81 15.11 -30.44
C GLN A 345 21.52 16.34 -29.58
N PRO A 346 22.06 17.51 -29.93
CA PRO A 346 21.68 18.74 -29.21
C PRO A 346 20.34 19.28 -29.66
N VAL A 347 19.66 19.96 -28.74
CA VAL A 347 18.44 20.69 -29.04
C VAL A 347 18.75 22.17 -29.06
N ALA A 348 17.79 22.96 -29.56
CA ALA A 348 17.96 24.40 -29.62
C ALA A 348 18.15 24.96 -28.21
N GLN A 349 19.11 25.86 -28.05
CA GLN A 349 19.44 26.25 -26.68
C GLN A 349 18.40 27.18 -26.07
N ASN A 350 17.48 27.73 -26.87
CA ASN A 350 16.40 28.52 -26.28
C ASN A 350 15.40 27.64 -25.55
N LEU A 351 15.46 26.32 -25.73
CA LEU A 351 14.50 25.41 -25.12
C LEU A 351 14.89 24.99 -23.71
N VAL A 352 16.10 25.32 -23.26
CA VAL A 352 16.58 24.92 -21.95
C VAL A 352 17.10 26.15 -21.23
N GLY A 353 17.36 26.00 -19.93
CA GLY A 353 17.89 27.10 -19.14
C GLY A 353 19.25 27.55 -19.63
N ASP A 354 19.66 28.73 -19.16
CA ASP A 354 20.96 29.26 -19.54
C ASP A 354 22.08 28.39 -19.02
N GLN A 356 22.23 25.21 -18.66
CA GLN A 356 21.70 23.88 -18.88
C GLN A 356 22.29 23.23 -20.13
N PRO A 357 22.57 21.93 -20.06
CA PRO A 357 23.05 21.21 -21.24
C PRO A 357 21.96 21.10 -22.30
N THR A 358 22.39 20.82 -23.53
CA THR A 358 21.45 20.76 -24.64
C THR A 358 21.39 19.41 -25.34
N LYS A 359 22.28 18.47 -25.04
CA LYS A 359 22.19 17.16 -25.67
C LYS A 359 21.07 16.34 -25.05
N LEU A 360 20.35 15.61 -25.89
CA LEU A 360 19.15 14.92 -25.42
C LEU A 360 19.47 13.94 -24.30
N GLY A 361 20.62 13.27 -24.39
CA GLY A 361 21.04 12.32 -23.36
C GLY A 361 21.31 12.96 -22.02
N GLU A 362 21.47 14.27 -21.97
CA GLU A 362 21.69 15.00 -20.73
C GLU A 362 20.41 15.63 -20.20
N LEU A 363 19.30 15.45 -20.90
CA LEU A 363 18.00 15.96 -20.47
C LEU A 363 17.15 14.82 -19.95
N GLU A 364 16.36 15.10 -18.91
CA GLU A 364 15.47 14.08 -18.37
C GLU A 364 14.22 14.75 -17.83
N GLY A 365 13.19 13.95 -17.62
CA GLY A 365 11.90 14.49 -17.20
C GLY A 365 10.90 14.43 -18.32
N ASN A 366 9.82 13.65 -18.12
CA ASN A 366 8.80 13.47 -19.14
C ASN A 366 8.21 14.79 -19.60
N ALA A 367 7.67 15.58 -18.67
CA ALA A 367 7.02 16.84 -19.04
C ALA A 367 7.97 17.74 -19.82
N LYS A 368 9.23 17.82 -19.38
CA LYS A 368 10.21 18.68 -20.05
C LYS A 368 10.48 18.20 -21.48
N LEU A 369 10.68 16.89 -21.66
CA LEU A 369 10.97 16.40 -23.01
C LEU A 369 9.73 16.42 -23.88
N THR A 370 8.54 16.26 -23.30
CA THR A 370 7.31 16.37 -24.06
C THR A 370 7.15 17.77 -24.65
N THR A 371 7.46 18.79 -23.86
CA THR A 371 7.29 20.14 -24.38
C THR A 371 8.32 20.45 -25.45
N ILE A 372 9.50 19.83 -25.37
CA ILE A 372 10.50 20.00 -26.41
C ILE A 372 10.06 19.30 -27.70
N LEU A 373 9.53 18.08 -27.59
CA LEU A 373 8.97 17.41 -28.76
C LEU A 373 7.89 18.26 -29.41
N ALA A 374 7.00 18.84 -28.61
CA ALA A 374 5.94 19.67 -29.17
C ALA A 374 6.50 20.87 -29.91
N TYR A 375 7.60 21.44 -29.41
CA TYR A 375 8.26 22.53 -30.12
C TYR A 375 8.69 22.09 -31.51
N TYR A 376 9.33 20.92 -31.60
CA TYR A 376 9.85 20.46 -32.88
C TYR A 376 8.75 19.99 -33.81
N ARG A 377 7.63 19.50 -33.24
CA ARG A 377 6.46 19.19 -34.07
C ARG A 377 5.82 20.45 -34.63
N MET A 378 5.91 21.57 -33.90
CA MET A 378 5.45 22.85 -34.45
C MET A 378 6.35 23.30 -35.60
N GLU A 379 7.66 23.10 -35.45
CA GLU A 379 8.57 23.43 -36.53
C GLU A 379 8.31 22.53 -37.74
N THR A 380 8.11 21.24 -37.50
CA THR A 380 7.87 20.31 -38.59
C THR A 380 6.61 20.67 -39.38
N ALA A 381 5.54 21.05 -38.67
CA ALA A 381 4.29 21.43 -39.33
C ALA A 381 4.50 22.63 -40.25
N GLY A 382 5.22 23.64 -39.76
CA GLY A 382 5.54 24.79 -40.57
C GLY A 382 6.32 24.48 -41.84
N LYS A 383 6.78 23.24 -42.00
CA LYS A 383 7.53 22.84 -43.18
C LYS A 383 6.73 21.89 -44.05
N ALA B 27 -20.92 -4.77 37.15
CA ALA B 27 -19.99 -4.70 38.28
C ALA B 27 -18.56 -4.72 37.78
N ALA B 28 -17.69 -3.96 38.44
CA ALA B 28 -16.25 -3.99 38.14
C ALA B 28 -15.71 -5.41 38.15
N GLU B 29 -14.71 -5.64 37.30
CA GLU B 29 -13.92 -6.87 37.20
C GLU B 29 -14.68 -8.04 36.55
N LYS B 30 -15.80 -7.78 35.89
CA LYS B 30 -16.58 -8.82 35.21
C LYS B 30 -16.42 -8.74 33.69
N GLY B 31 -16.82 -9.82 33.02
CA GLY B 31 -16.72 -9.89 31.58
C GLY B 31 -17.53 -8.80 30.89
N PHE B 32 -17.21 -8.59 29.61
CA PHE B 32 -17.64 -7.41 28.87
C PHE B 32 -18.90 -7.70 28.06
N LYS B 33 -19.96 -6.93 28.33
CA LYS B 33 -21.19 -7.08 27.56
C LYS B 33 -21.03 -6.49 26.16
N GLN B 34 -22.00 -6.79 25.31
CA GLN B 34 -21.90 -6.46 23.89
C GLN B 34 -21.76 -4.95 23.65
N ALA B 35 -22.32 -4.11 24.52
CA ALA B 35 -22.20 -2.67 24.36
C ALA B 35 -20.75 -2.22 24.36
N PHE B 36 -19.85 -3.00 24.98
CA PHE B 36 -18.43 -2.67 24.99
C PHE B 36 -17.76 -3.09 23.68
N TRP B 37 -17.94 -4.33 23.26
CA TRP B 37 -17.11 -4.83 22.18
C TRP B 37 -17.75 -4.71 20.79
N GLN B 38 -19.06 -4.61 20.68
CA GLN B 38 -19.66 -4.42 19.36
C GLN B 38 -19.18 -3.15 18.67
N PRO B 39 -19.03 -2.01 19.36
CA PRO B 39 -18.40 -0.85 18.69
C PRO B 39 -17.00 -1.14 18.18
N LEU B 40 -16.23 -2.02 18.84
CA LEU B 40 -14.90 -2.34 18.33
C LEU B 40 -14.99 -3.25 17.11
N CYS B 41 -15.93 -4.19 17.10
CA CYS B 41 -16.20 -4.97 15.89
C CYS B 41 -16.54 -4.06 14.72
N GLN B 42 -17.40 -3.07 14.94
CA GLN B 42 -17.82 -2.18 13.85
C GLN B 42 -16.63 -1.44 13.24
N VAL B 43 -15.69 -0.99 14.08
CA VAL B 43 -14.49 -0.36 13.56
C VAL B 43 -13.61 -1.38 12.85
N SER B 44 -13.42 -2.55 13.47
CA SER B 44 -12.58 -3.58 12.85
C SER B 44 -13.08 -3.93 11.45
N GLU B 45 -14.39 -4.03 11.29
CA GLU B 45 -14.97 -4.38 10.00
C GLU B 45 -14.75 -3.27 8.98
N GLU B 46 -14.85 -2.02 9.43
CA GLU B 46 -14.71 -0.92 8.49
C GLU B 46 -13.25 -0.74 8.10
N LEU B 47 -12.33 -0.90 9.05
CA LEU B 47 -10.91 -0.83 8.71
C LEU B 47 -10.51 -1.90 7.69
N ASP B 48 -11.21 -3.04 7.71
CA ASP B 48 -10.97 -4.12 6.76
C ASP B 48 -11.05 -3.64 5.32
N ASP B 49 -11.85 -2.62 5.04
CA ASP B 49 -12.03 -2.21 3.66
C ASP B 49 -11.07 -1.10 3.24
N GLN B 50 -10.29 -0.53 4.16
CA GLN B 50 -9.35 0.51 3.75
C GLN B 50 -8.32 0.03 2.74
N PRO B 51 -7.72 -1.17 2.86
CA PRO B 51 -6.83 -1.63 1.77
C PRO B 51 -7.57 -1.78 0.44
N LYS B 52 -8.86 -2.13 0.49
CA LYS B 52 -9.64 -2.22 -0.74
C LYS B 52 -9.80 -0.86 -1.41
N GLY B 53 -9.94 0.19 -0.60
CA GLY B 53 -10.03 1.53 -1.16
C GLY B 53 -8.71 1.98 -1.75
N ALA B 54 -7.61 1.54 -1.14
CA ALA B 54 -6.31 1.90 -1.68
C ALA B 54 -6.11 1.27 -3.05
N LEU B 55 -6.49 0.00 -3.19
CA LEU B 55 -6.37 -0.66 -4.49
C LEU B 55 -7.26 0.03 -5.52
N PHE B 56 -8.52 0.29 -5.16
CA PHE B 56 -9.44 1.02 -6.02
C PHE B 56 -8.83 2.33 -6.50
N THR B 57 -8.30 3.13 -5.58
CA THR B 57 -7.78 4.45 -5.97
C THR B 57 -6.54 4.32 -6.85
N LEU B 58 -5.62 3.42 -6.53
CA LEU B 58 -4.40 3.27 -7.35
C LEU B 58 -4.73 2.83 -8.76
N GLN B 59 -5.65 1.87 -8.91
CA GLN B 59 -6.03 1.42 -10.24
C GLN B 59 -6.77 2.51 -11.01
N ALA B 60 -7.63 3.26 -10.33
CA ALA B 60 -8.37 4.34 -10.97
C ALA B 60 -7.43 5.44 -11.44
N ALA B 61 -6.40 5.73 -10.64
CA ALA B 61 -5.42 6.74 -11.04
C ALA B 61 -4.69 6.31 -12.30
N ALA B 62 -4.19 5.07 -12.32
CA ALA B 62 -3.52 4.54 -13.50
C ALA B 62 -4.44 4.59 -14.70
N SER B 63 -5.71 4.24 -14.51
CA SER B 63 -6.65 4.24 -15.62
C SER B 63 -6.85 5.64 -16.18
N LYS B 64 -6.88 6.65 -15.30
CA LYS B 64 -7.03 8.03 -15.75
C LYS B 64 -5.78 8.50 -16.50
N ILE B 65 -4.58 8.12 -16.04
CA ILE B 65 -3.38 8.45 -16.80
C ILE B 65 -3.47 7.87 -18.21
N GLN B 66 -3.91 6.61 -18.31
CA GLN B 66 -4.02 5.95 -19.61
C GLN B 66 -5.00 6.69 -20.52
N LYS B 67 -6.11 7.19 -19.95
CA LYS B 67 -7.06 7.93 -20.77
C LYS B 67 -6.46 9.24 -21.27
N MET B 68 -5.71 9.94 -20.41
CA MET B 68 -5.01 11.13 -20.86
C MET B 68 -4.06 10.80 -21.99
N ARG B 69 -3.31 9.70 -21.85
CA ARG B 69 -2.35 9.33 -22.89
C ARG B 69 -3.05 8.97 -24.19
N ASP B 70 -4.21 8.28 -24.12
CA ASP B 70 -4.98 8.01 -25.32
C ASP B 70 -5.37 9.31 -26.03
N ALA B 71 -5.79 10.33 -25.29
CA ALA B 71 -6.19 11.58 -25.91
C ALA B 71 -4.98 12.29 -26.51
N ALA B 72 -3.83 12.18 -25.84
CA ALA B 72 -2.60 12.76 -26.39
C ALA B 72 -2.22 12.06 -27.68
N LEU B 73 -2.44 10.75 -27.73
CA LEU B 73 -2.10 9.99 -28.93
C LEU B 73 -3.07 10.28 -30.08
N ARG B 74 -4.38 10.29 -29.80
CA ARG B 74 -5.33 10.65 -30.84
C ARG B 74 -5.00 12.00 -31.42
N ALA B 75 -4.68 12.97 -30.55
CA ALA B 75 -4.35 14.31 -31.03
C ALA B 75 -3.11 14.29 -31.92
N SER B 76 -2.09 13.54 -31.52
CA SER B 76 -0.87 13.47 -32.32
C SER B 76 -1.12 12.79 -33.65
N ILE B 77 -1.94 11.74 -33.65
CA ILE B 77 -2.26 11.06 -34.90
C ILE B 77 -2.98 12.02 -35.84
N TYR B 78 -3.96 12.76 -35.32
CA TYR B 78 -4.64 13.76 -36.14
C TYR B 78 -3.65 14.75 -36.74
N ALA B 79 -2.65 15.18 -35.97
CA ALA B 79 -1.69 16.15 -36.48
C ALA B 79 -0.79 15.55 -37.55
N GLU B 80 -0.44 14.26 -37.42
CA GLU B 80 0.37 13.62 -38.45
C GLU B 80 -0.43 13.44 -39.74
N ILE B 81 -1.72 13.16 -39.62
CA ILE B 81 -2.55 12.92 -40.80
C ILE B 81 -2.77 14.22 -41.57
N ASN B 82 -2.98 15.32 -40.85
CA ASN B 82 -3.29 16.61 -41.45
C ASN B 82 -2.11 17.57 -41.35
N HIS B 83 -0.89 17.05 -41.40
CA HIS B 83 0.31 17.86 -41.19
C HIS B 83 0.40 18.96 -42.23
N GLY B 84 0.51 20.19 -41.77
CA GLY B 84 0.58 21.35 -42.65
C GLY B 84 -0.60 22.28 -42.56
N THR B 85 -1.61 21.96 -41.75
CA THR B 85 -2.78 22.80 -41.58
C THR B 85 -2.79 23.41 -40.18
N ASN B 86 -3.53 24.52 -40.03
CA ASN B 86 -3.64 25.15 -38.72
C ASN B 86 -4.39 24.27 -37.75
N ARG B 87 -5.27 23.42 -38.25
CA ARG B 87 -5.95 22.45 -37.40
C ARG B 87 -4.94 21.47 -36.81
N ALA B 88 -3.92 21.09 -37.60
CA ALA B 88 -2.90 20.19 -37.10
C ALA B 88 -2.05 20.88 -36.04
N LYS B 89 -1.77 22.17 -36.23
CA LYS B 89 -1.05 22.93 -35.21
C LYS B 89 -1.86 23.03 -33.92
N ALA B 90 -3.18 23.20 -34.05
CA ALA B 90 -4.02 23.13 -32.86
C ALA B 90 -3.91 21.76 -32.21
N ALA B 91 -3.90 20.71 -33.01
CA ALA B 91 -3.80 19.35 -32.47
C ALA B 91 -2.45 19.11 -31.78
N VAL B 92 -1.37 19.71 -32.29
CA VAL B 92 -0.09 19.61 -31.60
C VAL B 92 -0.21 20.24 -30.21
N ILE B 93 -0.92 21.38 -30.12
CA ILE B 93 -1.14 22.01 -28.82
C ILE B 93 -1.96 21.09 -27.93
N VAL B 94 -3.01 20.50 -28.48
CA VAL B 94 -3.86 19.58 -27.72
C VAL B 94 -3.06 18.36 -27.26
N ALA B 95 -2.29 17.76 -28.18
CA ALA B 95 -1.49 16.59 -27.84
C ALA B 95 -0.51 16.91 -26.71
N ASN B 96 0.18 18.04 -26.81
CA ASN B 96 1.10 18.44 -25.75
C ASN B 96 0.36 18.57 -24.42
N HIS B 97 -0.84 19.16 -24.42
CA HIS B 97 -1.61 19.30 -23.21
C HIS B 97 -1.87 17.94 -22.56
N TYR B 98 -2.40 16.99 -23.34
CA TYR B 98 -2.77 15.71 -22.75
C TYR B 98 -1.55 14.88 -22.38
N ALA B 99 -0.46 14.98 -23.17
CA ALA B 99 0.78 14.32 -22.79
C ALA B 99 1.29 14.82 -21.44
N MET B 100 1.25 16.14 -21.24
CA MET B 100 1.67 16.70 -19.95
C MET B 100 0.72 16.27 -18.82
N LYS B 101 -0.57 16.21 -19.09
CA LYS B 101 -1.51 15.70 -18.08
C LYS B 101 -1.16 14.27 -17.70
N ALA B 102 -0.90 13.41 -18.69
CA ALA B 102 -0.52 12.03 -18.39
C ALA B 102 0.81 11.99 -17.65
N ASP B 103 1.80 12.80 -18.07
CA ASP B 103 3.06 12.85 -17.33
C ASP B 103 2.83 13.28 -15.88
N SER B 104 1.98 14.30 -15.66
CA SER B 104 1.78 14.82 -14.32
C SER B 104 1.00 13.83 -13.47
N GLY B 105 0.06 13.11 -14.08
CA GLY B 105 -0.67 12.08 -13.36
C GLY B 105 0.25 10.99 -12.84
N LEU B 106 1.23 10.58 -13.66
CA LEU B 106 2.21 9.59 -13.21
C LEU B 106 3.06 10.13 -12.05
N GLU B 107 3.45 11.41 -12.12
CA GLU B 107 4.18 11.99 -11.00
C GLU B 107 3.35 11.99 -9.72
N ALA B 108 2.05 12.32 -9.82
CA ALA B 108 1.22 12.37 -8.62
C ALA B 108 0.95 10.97 -8.09
N LEU B 109 0.72 10.02 -8.99
CA LEU B 109 0.58 8.62 -8.56
C LEU B 109 1.83 8.16 -7.83
N LYS B 110 2.99 8.44 -8.41
CA LYS B 110 4.26 8.05 -7.83
C LYS B 110 4.46 8.69 -6.45
N GLN B 111 4.24 9.99 -6.34
CA GLN B 111 4.71 10.78 -5.21
C GLN B 111 3.64 11.04 -4.16
N THR B 112 2.40 11.28 -4.55
CA THR B 112 1.36 11.62 -3.60
C THR B 112 0.38 10.49 -3.35
N LEU B 113 -0.20 9.91 -4.40
CA LEU B 113 -1.23 8.89 -4.18
C LEU B 113 -0.66 7.63 -3.56
N SER B 114 0.50 7.17 -4.07
CA SER B 114 1.10 5.96 -3.52
C SER B 114 1.37 6.12 -2.03
N SER B 115 1.90 7.28 -1.63
CA SER B 115 2.17 7.52 -0.22
C SER B 115 0.89 7.55 0.60
N GLN B 116 -0.12 8.29 0.11
CA GLN B 116 -1.41 8.35 0.79
C GLN B 116 -2.01 6.97 0.99
N GLU B 117 -2.06 6.19 -0.08
CA GLU B 117 -2.82 4.94 -0.01
C GLU B 117 -2.07 3.86 0.72
N VAL B 118 -0.74 3.81 0.60
CA VAL B 118 0.05 2.89 1.41
C VAL B 118 -0.10 3.24 2.88
N THR B 119 -0.09 4.54 3.20
CA THR B 119 -0.21 4.96 4.60
C THR B 119 -1.59 4.62 5.14
N ALA B 120 -2.66 4.87 4.37
CA ALA B 120 -3.99 4.49 4.85
C ALA B 120 -4.10 2.98 5.01
N THR B 121 -3.54 2.22 4.07
CA THR B 121 -3.60 0.76 4.16
C THR B 121 -2.87 0.26 5.40
N ALA B 122 -1.64 0.75 5.61
CA ALA B 122 -0.84 0.29 6.75
C ALA B 122 -1.48 0.69 8.07
N THR B 123 -1.85 1.97 8.22
CA THR B 123 -2.38 2.44 9.49
C THR B 123 -3.68 1.74 9.84
N ALA B 124 -4.58 1.56 8.86
CA ALA B 124 -5.85 0.89 9.15
C ALA B 124 -5.64 -0.59 9.44
N SER B 125 -4.77 -1.25 8.66
CA SER B 125 -4.54 -2.67 8.87
C SER B 125 -3.83 -2.93 10.20
N TYR B 126 -2.86 -2.08 10.54
CA TYR B 126 -2.18 -2.21 11.83
C TYR B 126 -3.19 -2.02 12.98
N LEU B 127 -3.97 -0.94 12.94
CA LEU B 127 -4.95 -0.75 14.01
C LEU B 127 -5.92 -1.91 14.06
N LYS B 128 -6.36 -2.41 12.89
CA LYS B 128 -7.27 -3.54 12.89
C LYS B 128 -6.66 -4.77 13.56
N GLY B 129 -5.35 -5.02 13.35
CA GLY B 129 -4.69 -6.11 14.04
C GLY B 129 -4.64 -5.93 15.55
N ARG B 130 -4.39 -4.70 16.01
CA ARG B 130 -4.43 -4.42 17.45
C ARG B 130 -5.81 -4.73 18.02
N ILE B 131 -6.85 -4.23 17.36
CA ILE B 131 -8.22 -4.48 17.82
C ILE B 131 -8.54 -5.97 17.79
N ASP B 132 -8.26 -6.63 16.66
CA ASP B 132 -8.69 -8.02 16.49
C ASP B 132 -8.00 -8.95 17.47
N GLU B 133 -6.73 -8.69 17.77
CA GLU B 133 -6.04 -9.53 18.76
C GLU B 133 -6.71 -9.40 20.13
N TYR B 134 -7.06 -8.18 20.51
CA TYR B 134 -7.73 -7.97 21.80
C TYR B 134 -9.08 -8.66 21.81
N LEU B 135 -9.89 -8.42 20.78
CA LEU B 135 -11.19 -9.10 20.70
C LEU B 135 -11.03 -10.61 20.66
N ASN B 136 -10.07 -11.12 19.90
CA ASN B 136 -9.87 -12.57 19.86
C ASN B 136 -9.49 -13.11 21.22
N LEU B 137 -8.78 -12.32 22.03
CA LEU B 137 -8.46 -12.78 23.38
C LEU B 137 -9.72 -12.84 24.24
N LEU B 138 -10.55 -11.80 24.19
CA LEU B 138 -11.81 -11.82 24.96
C LEU B 138 -12.68 -13.00 24.53
N LEU B 139 -12.79 -13.20 23.22
CA LEU B 139 -13.63 -14.26 22.68
C LEU B 139 -13.26 -15.64 23.23
N GLN B 140 -11.97 -15.91 23.40
CA GLN B 140 -11.53 -17.23 23.82
C GLN B 140 -11.44 -17.40 25.33
N THR B 141 -11.38 -16.31 26.08
CA THR B 141 -11.10 -16.39 27.52
C THR B 141 -12.43 -16.54 28.24
N LYS B 142 -12.81 -17.78 28.48
CA LYS B 142 -14.12 -18.08 29.05
C LYS B 142 -14.03 -19.40 29.80
N GLU B 143 -14.90 -19.57 30.79
CA GLU B 143 -14.95 -20.80 31.57
C GLU B 143 -16.17 -21.65 31.28
N SER B 144 -17.21 -21.06 30.69
CA SER B 144 -18.48 -21.74 30.52
C SER B 144 -19.28 -20.99 29.47
N GLY B 145 -20.46 -21.52 29.15
CA GLY B 145 -21.35 -20.82 28.24
C GLY B 145 -21.92 -19.53 28.80
N THR B 146 -21.71 -19.26 30.08
CA THR B 146 -22.30 -18.11 30.74
C THR B 146 -21.29 -17.31 31.54
N SER B 147 -20.02 -17.66 31.50
CA SER B 147 -19.01 -16.94 32.27
C SER B 147 -17.75 -16.80 31.40
N GLY B 148 -17.44 -15.58 31.04
CA GLY B 148 -16.24 -15.36 30.25
C GLY B 148 -16.10 -13.88 29.97
N CYS B 149 -15.10 -13.56 29.15
CA CYS B 149 -14.75 -12.17 28.93
C CYS B 149 -15.63 -11.48 27.89
N MET B 150 -16.28 -12.24 27.02
CA MET B 150 -17.04 -11.66 25.91
C MET B 150 -18.46 -12.14 26.02
N MET B 151 -19.34 -11.25 26.47
CA MET B 151 -20.72 -11.57 26.81
C MET B 151 -21.67 -10.90 25.81
N ASP B 152 -22.88 -11.45 25.75
CA ASP B 152 -23.92 -10.92 24.87
C ASP B 152 -24.51 -9.62 25.45
N THR B 153 -25.61 -9.15 24.85
CA THR B 153 -26.15 -7.83 25.21
C THR B 153 -26.57 -7.77 26.66
N SER B 154 -27.22 -8.81 27.16
CA SER B 154 -27.72 -8.81 28.51
C SER B 154 -26.73 -9.41 29.49
N GLY B 155 -25.53 -9.79 29.03
CA GLY B 155 -24.58 -10.44 29.92
C GLY B 155 -25.03 -11.81 30.36
N THR B 156 -25.82 -12.51 29.55
CA THR B 156 -26.32 -13.83 29.91
C THR B 156 -25.39 -14.93 29.44
N ASN B 157 -25.02 -14.91 28.14
CA ASN B 157 -24.20 -15.95 27.53
C ASN B 157 -22.88 -15.37 27.07
N THR B 158 -21.83 -16.20 27.12
CA THR B 158 -20.63 -15.94 26.34
C THR B 158 -20.94 -16.12 24.87
N VAL B 159 -20.37 -15.28 24.03
CA VAL B 159 -20.69 -15.31 22.61
C VAL B 159 -19.78 -16.31 21.90
N THR B 160 -20.26 -16.85 20.80
CA THR B 160 -19.46 -17.71 19.94
C THR B 160 -19.34 -17.09 18.55
N LYS B 161 -18.28 -17.49 17.86
CA LYS B 161 -17.99 -16.98 16.54
C LYS B 161 -18.44 -18.01 15.51
N ALA B 162 -19.24 -17.57 14.56
CA ALA B 162 -19.72 -18.47 13.51
C ALA B 162 -19.63 -17.72 12.20
N GLY B 163 -18.77 -18.20 11.31
CA GLY B 163 -18.52 -17.48 10.08
C GLY B 163 -17.92 -16.13 10.41
N GLY B 164 -18.52 -15.08 9.87
CA GLY B 164 -18.02 -13.74 10.06
C GLY B 164 -18.75 -12.95 11.12
N THR B 165 -19.50 -13.64 11.98
CA THR B 165 -20.24 -12.97 13.04
C THR B 165 -19.89 -13.55 14.40
N ILE B 166 -19.94 -12.67 15.40
CA ILE B 166 -19.79 -13.03 16.80
C ILE B 166 -21.07 -12.63 17.50
N GLY B 167 -21.79 -13.61 18.03
CA GLY B 167 -23.07 -13.32 18.68
C GLY B 167 -24.03 -12.56 17.78
N GLY B 168 -23.98 -12.83 16.49
CA GLY B 168 -24.79 -12.14 15.52
C GLY B 168 -24.21 -10.82 15.04
N VAL B 169 -23.12 -10.35 15.63
CA VAL B 169 -22.50 -9.09 15.24
C VAL B 169 -21.51 -9.35 14.11
N PRO B 170 -21.59 -8.65 12.97
CA PRO B 170 -20.50 -8.76 11.98
C PRO B 170 -19.15 -8.48 12.63
N CYS B 171 -18.26 -9.49 12.60
CA CYS B 171 -17.00 -9.38 13.31
C CYS B 171 -16.10 -10.54 12.91
N LYS B 172 -15.49 -10.46 11.72
CA LYS B 172 -14.72 -11.58 11.19
C LYS B 172 -13.41 -11.82 11.96
N LEU B 173 -12.83 -10.77 12.54
CA LEU B 173 -11.53 -10.85 13.21
C LEU B 173 -10.45 -11.38 12.25
N GLN B 174 -10.59 -11.03 10.98
CA GLN B 174 -9.66 -11.41 9.92
C GLN B 174 -9.56 -10.28 8.92
N LEU B 175 -8.41 -10.18 8.28
CA LEU B 175 -8.27 -9.32 7.11
C LEU B 175 -8.82 -10.07 5.90
N SER B 176 -9.89 -9.54 5.29
CA SER B 176 -10.54 -10.16 4.14
C SER B 176 -9.69 -10.05 2.86
N PRO B 177 -9.94 -10.91 1.87
CA PRO B 177 -9.23 -10.79 0.59
C PRO B 177 -9.42 -9.41 -0.03
N ILE B 178 -8.33 -8.88 -0.58
CA ILE B 178 -8.31 -7.50 -1.04
C ILE B 178 -8.74 -7.47 -2.51
N GLN B 179 -9.88 -6.85 -2.76
CA GLN B 179 -10.42 -6.51 -4.06
C GLN B 179 -10.79 -5.03 -4.02
N PRO B 180 -10.83 -4.36 -5.17
CA PRO B 180 -11.16 -2.92 -5.17
C PRO B 180 -12.54 -2.68 -4.58
N LYS B 181 -12.64 -1.67 -3.73
CA LYS B 181 -13.91 -1.33 -3.11
C LYS B 181 -13.78 0.05 -2.49
N ARG B 182 -14.85 0.85 -2.57
CA ARG B 182 -14.89 2.12 -1.87
C ARG B 182 -15.30 1.90 -0.42
N PRO B 183 -14.45 2.26 0.54
CA PRO B 183 -14.76 1.98 1.95
C PRO B 183 -15.88 2.86 2.48
N ALA B 184 -16.63 2.29 3.40
CA ALA B 184 -17.58 3.05 4.20
C ALA B 184 -16.84 4.03 5.11
N ALA B 185 -17.55 5.10 5.48
CA ALA B 185 -17.09 6.07 6.48
C ALA B 185 -18.14 6.23 7.57
N THR B 186 -18.73 5.12 8.01
CA THR B 186 -19.75 5.13 9.06
C THR B 186 -19.14 5.19 10.44
N TYR B 187 -18.18 4.32 10.73
CA TYR B 187 -17.60 4.19 12.05
C TYR B 187 -16.25 4.87 12.20
N LEU B 188 -15.61 5.21 11.09
CA LEU B 188 -14.42 6.06 11.12
C LEU B 188 -14.65 7.11 10.05
N GLY B 189 -14.93 8.32 10.47
CA GLY B 189 -15.25 9.41 9.56
C GLY B 189 -14.35 10.59 9.81
N LYS B 190 -14.77 11.76 9.31
CA LYS B 190 -13.94 12.95 9.35
C LYS B 190 -13.65 13.38 10.78
N ALA B 191 -14.59 13.17 11.71
CA ALA B 191 -14.39 13.64 13.08
C ALA B 191 -13.68 12.63 13.96
N GLY B 192 -13.76 11.35 13.64
CA GLY B 192 -13.18 10.33 14.48
C GLY B 192 -14.00 9.06 14.39
N TYR B 193 -13.98 8.30 15.49
CA TYR B 193 -14.68 7.02 15.62
C TYR B 193 -16.00 7.28 16.34
N VAL B 194 -17.08 7.43 15.55
CA VAL B 194 -18.35 7.95 16.06
C VAL B 194 -18.93 7.09 17.16
N GLY B 195 -18.70 5.77 17.12
CA GLY B 195 -19.24 4.86 18.10
C GLY B 195 -18.47 4.76 19.38
N LEU B 196 -17.27 5.34 19.42
CA LEU B 196 -16.39 5.23 20.58
C LEU B 196 -16.43 6.52 21.39
N THR B 197 -17.57 6.73 22.04
CA THR B 197 -17.82 7.91 22.83
C THR B 197 -17.44 7.69 24.30
N ARG B 198 -17.46 8.78 25.06
CA ARG B 198 -17.20 8.68 26.49
C ARG B 198 -18.25 7.79 27.15
N GLN B 199 -17.81 6.93 28.06
CA GLN B 199 -18.72 6.04 28.77
C GLN B 199 -18.86 6.52 30.21
N ALA B 200 -20.08 6.88 30.61
CA ALA B 200 -20.29 7.46 31.93
C ALA B 200 -20.43 6.42 33.04
N ASP B 201 -20.75 5.16 32.73
CA ASP B 201 -21.00 4.16 33.77
C ASP B 201 -20.54 2.79 33.25
N ALA B 202 -19.23 2.62 33.12
CA ALA B 202 -18.69 1.37 32.59
C ALA B 202 -19.06 0.19 33.49
N ALA B 203 -19.14 0.40 34.80
CA ALA B 203 -19.39 -0.72 35.72
C ALA B 203 -20.70 -1.42 35.40
N ASN B 204 -21.69 -0.67 34.92
CA ASN B 204 -22.99 -1.25 34.61
C ASN B 204 -23.25 -1.40 33.12
N ASN B 205 -22.67 -0.54 32.28
CA ASN B 205 -22.94 -0.58 30.85
C ASN B 205 -21.99 -1.47 30.08
N PHE B 206 -20.73 -1.56 30.52
CA PHE B 206 -19.73 -2.41 29.89
C PHE B 206 -19.57 -3.74 30.61
N HIS B 207 -19.40 -3.71 31.92
CA HIS B 207 -19.20 -4.93 32.68
C HIS B 207 -20.52 -5.61 33.00
N ASP B 208 -20.51 -6.94 32.91
CA ASP B 208 -21.62 -7.77 33.32
C ASP B 208 -21.70 -7.78 34.85
N ASN B 209 -22.77 -8.37 35.37
CA ASN B 209 -22.91 -8.48 36.81
C ASN B 209 -22.18 -9.68 37.42
N ASP B 210 -21.89 -10.74 36.65
CA ASP B 210 -21.31 -11.93 37.29
C ASP B 210 -20.35 -12.76 36.44
N ALA B 211 -20.29 -12.53 35.13
CA ALA B 211 -19.35 -13.27 34.29
C ALA B 211 -17.92 -12.98 34.72
N GLU B 212 -17.14 -14.03 34.93
CA GLU B 212 -15.78 -13.86 35.41
C GLU B 212 -14.82 -13.67 34.24
N CYS B 213 -13.83 -12.79 34.46
CA CYS B 213 -12.93 -12.42 33.38
C CYS B 213 -11.68 -11.74 33.96
N ARG B 214 -10.58 -12.47 34.02
CA ARG B 214 -9.37 -11.88 34.60
C ARG B 214 -8.81 -10.74 33.76
N LEU B 215 -9.22 -10.61 32.50
CA LEU B 215 -8.75 -9.50 31.67
C LEU B 215 -9.48 -8.18 31.97
N ALA B 216 -10.43 -8.18 32.89
CA ALA B 216 -11.17 -6.97 33.23
C ALA B 216 -10.50 -6.15 34.31
N SER B 217 -9.41 -6.63 34.88
CA SER B 217 -8.82 -5.97 36.04
C SER B 217 -7.37 -6.43 36.18
N GLY B 218 -6.55 -5.58 36.79
CA GLY B 218 -5.19 -5.92 37.14
C GLY B 218 -5.03 -6.32 38.58
N HIS B 219 -6.12 -6.34 39.35
CA HIS B 219 -6.05 -6.78 40.74
C HIS B 219 -5.94 -8.30 40.79
N ASN B 220 -5.40 -8.83 41.90
CA ASN B 220 -5.10 -10.26 41.91
C ASN B 220 -6.30 -11.13 42.30
N THR B 221 -7.32 -10.58 42.95
CA THR B 221 -8.43 -11.43 43.38
C THR B 221 -9.24 -11.90 42.18
N ASN B 222 -9.67 -10.97 41.35
CA ASN B 222 -10.52 -11.24 40.20
C ASN B 222 -9.85 -10.94 38.85
N GLY B 223 -8.63 -10.40 38.87
CA GLY B 223 -7.98 -10.00 37.63
C GLY B 223 -6.64 -10.64 37.37
N LEU B 224 -5.76 -9.89 36.68
CA LEU B 224 -4.55 -10.46 36.10
C LEU B 224 -3.43 -10.68 37.11
N GLY B 225 -3.42 -9.94 38.20
CA GLY B 225 -2.38 -10.16 39.21
C GLY B 225 -2.43 -11.57 39.77
N LYS B 226 -1.26 -12.06 40.19
CA LYS B 226 -1.16 -13.38 40.80
C LYS B 226 -0.91 -13.22 42.30
N SER B 227 0.34 -12.90 42.68
CA SER B 227 0.64 -12.70 44.08
C SER B 227 0.19 -11.34 44.59
N GLY B 228 0.03 -10.37 43.71
CA GLY B 228 -0.46 -9.07 44.10
C GLY B 228 -0.99 -8.40 42.85
N GLN B 229 -1.48 -7.18 43.01
CA GLN B 229 -1.99 -6.48 41.85
C GLN B 229 -0.85 -6.20 40.87
N LEU B 230 -1.21 -6.05 39.59
CA LEU B 230 -0.21 -5.61 38.61
C LEU B 230 0.40 -4.28 39.05
N SER B 231 1.67 -4.07 38.64
CA SER B 231 2.39 -2.82 38.91
C SER B 231 1.61 -1.58 38.51
N ALA B 232 0.98 -1.63 37.34
CA ALA B 232 0.38 -0.43 36.76
C ALA B 232 -0.90 -0.80 36.05
N ALA B 233 -1.72 0.21 35.78
CA ALA B 233 -2.82 0.06 34.84
C ALA B 233 -2.29 -0.47 33.51
N VAL B 234 -3.09 -1.30 32.85
CA VAL B 234 -2.73 -1.89 31.56
C VAL B 234 -3.66 -1.30 30.51
N THR B 235 -3.10 -0.82 29.42
CA THR B 235 -3.91 -0.40 28.27
C THR B 235 -3.94 -1.48 27.22
N MET B 236 -5.11 -1.66 26.62
CA MET B 236 -5.33 -2.69 25.63
C MET B 236 -6.04 -2.10 24.41
N ALA B 237 -6.03 -2.84 23.30
CA ALA B 237 -6.61 -2.38 22.04
C ALA B 237 -6.00 -1.04 21.61
N ALA B 238 -4.66 -1.02 21.54
CA ALA B 238 -3.93 0.16 21.08
C ALA B 238 -4.33 1.40 21.88
N GLY B 239 -4.39 1.26 23.20
CA GLY B 239 -4.65 2.38 24.08
C GLY B 239 -6.10 2.78 24.20
N TYR B 240 -7.03 1.97 23.67
CA TYR B 240 -8.44 2.33 23.78
C TYR B 240 -8.96 2.15 25.21
N VAL B 241 -8.66 1.03 25.84
CA VAL B 241 -9.24 0.69 27.13
C VAL B 241 -8.13 0.61 28.16
N THR B 242 -8.36 1.22 29.32
CA THR B 242 -7.41 1.20 30.42
C THR B 242 -7.95 0.27 31.50
N VAL B 243 -7.15 -0.72 31.88
CA VAL B 243 -7.55 -1.72 32.87
C VAL B 243 -6.79 -1.40 34.15
N ALA B 244 -7.52 -0.95 35.16
CA ALA B 244 -6.91 -0.52 36.42
C ALA B 244 -6.35 -1.73 37.16
N ASN B 245 -5.34 -1.48 37.99
CA ASN B 245 -4.83 -2.53 38.87
C ASN B 245 -5.50 -2.50 40.24
N SER B 246 -6.63 -1.82 40.35
CA SER B 246 -7.51 -1.88 41.50
C SER B 246 -8.82 -2.54 41.10
N GLN B 247 -9.69 -2.76 42.08
CA GLN B 247 -10.99 -3.38 41.83
C GLN B 247 -11.99 -2.30 41.39
N THR B 248 -11.73 -1.75 40.21
CA THR B 248 -12.59 -0.73 39.62
C THR B 248 -12.82 -1.03 38.15
N ALA B 249 -13.88 -0.44 37.61
CA ALA B 249 -14.28 -0.68 36.23
C ALA B 249 -13.25 -0.11 35.25
N VAL B 250 -13.27 -0.65 34.02
CA VAL B 250 -12.35 -0.12 33.00
C VAL B 250 -12.73 1.33 32.65
N THR B 251 -11.77 2.03 32.07
CA THR B 251 -11.97 3.34 31.47
C THR B 251 -11.70 3.23 29.98
N VAL B 252 -12.45 3.98 29.16
CA VAL B 252 -12.23 3.97 27.72
C VAL B 252 -11.97 5.39 27.22
N GLN B 253 -11.15 5.47 26.19
CA GLN B 253 -10.84 6.75 25.57
C GLN B 253 -11.99 7.15 24.64
N ALA B 254 -12.44 8.40 24.77
CA ALA B 254 -13.40 8.95 23.82
C ALA B 254 -12.66 9.29 22.53
N LEU B 255 -13.03 8.63 21.44
CA LEU B 255 -12.32 8.81 20.17
C LEU B 255 -13.22 9.42 19.10
N ASP B 256 -14.35 10.00 19.46
CA ASP B 256 -15.32 10.46 18.47
C ASP B 256 -15.04 11.86 17.95
N ALA B 257 -14.15 12.63 18.61
CA ALA B 257 -13.83 14.00 18.19
C ALA B 257 -12.32 14.20 18.32
N LEU B 258 -11.57 13.60 17.40
CA LEU B 258 -10.12 13.52 17.52
C LEU B 258 -9.45 14.83 17.12
N GLN B 259 -8.23 15.00 17.62
CA GLN B 259 -7.34 16.09 17.19
C GLN B 259 -5.99 15.49 16.85
N GLU B 260 -5.30 16.12 15.89
CA GLU B 260 -3.97 15.67 15.52
C GLU B 260 -3.04 15.78 16.72
N ALA B 261 -2.52 14.63 17.18
CA ALA B 261 -1.54 14.61 18.25
C ALA B 261 -0.50 13.56 17.96
N SER B 262 0.56 13.57 18.77
CA SER B 262 1.60 12.55 18.73
C SER B 262 1.91 12.12 20.15
N GLY B 263 2.49 10.92 20.28
CA GLY B 263 2.83 10.39 21.58
C GLY B 263 1.65 10.05 22.48
N ALA B 264 0.44 9.98 21.92
CA ALA B 264 -0.72 9.54 22.68
C ALA B 264 -0.65 8.02 22.93
N ALA B 265 -1.20 7.60 24.07
CA ALA B 265 -1.34 6.17 24.33
C ALA B 265 -2.15 5.50 23.24
N HIS B 266 -3.17 6.21 22.71
CA HIS B 266 -4.01 5.69 21.65
C HIS B 266 -3.56 6.18 20.27
N GLN B 267 -2.27 6.43 20.09
CA GLN B 267 -1.79 6.96 18.80
C GLN B 267 -2.24 6.16 17.58
N PRO B 268 -2.26 4.82 17.58
CA PRO B 268 -2.67 4.12 16.35
C PRO B 268 -4.06 4.49 15.88
N TRP B 269 -4.97 4.82 16.80
CA TRP B 269 -6.30 5.30 16.41
C TRP B 269 -6.20 6.64 15.71
N ILE B 270 -5.40 7.54 16.25
CA ILE B 270 -5.16 8.83 15.60
C ILE B 270 -4.57 8.64 14.22
N ASP B 271 -3.57 7.74 14.09
CA ASP B 271 -2.87 7.57 12.81
C ASP B 271 -3.82 7.10 11.71
N ALA B 272 -4.72 6.17 12.02
CA ALA B 272 -5.59 5.65 10.97
C ALA B 272 -6.68 6.65 10.61
N TRP B 273 -7.16 7.41 11.61
CA TRP B 273 -8.12 8.48 11.37
C TRP B 273 -7.52 9.54 10.46
N LYS B 274 -6.30 9.98 10.77
CA LYS B 274 -5.66 11.02 9.97
C LYS B 274 -5.38 10.53 8.56
N ALA B 275 -4.87 9.29 8.42
CA ALA B 275 -4.52 8.78 7.10
C ALA B 275 -5.77 8.64 6.23
N LYS B 276 -6.88 8.20 6.82
CA LYS B 276 -8.10 8.04 6.03
C LYS B 276 -8.69 9.39 5.64
N LYS B 277 -8.67 10.35 6.56
CA LYS B 277 -9.22 11.68 6.33
C LYS B 277 -8.41 12.44 5.27
N ALA B 278 -7.14 12.10 5.12
CA ALA B 278 -6.25 12.78 4.20
C ALA B 278 -6.43 12.34 2.74
N LEU B 279 -7.16 11.26 2.50
CA LEU B 279 -7.26 10.69 1.16
C LEU B 279 -8.08 11.58 0.23
N THR B 280 -7.51 11.90 -0.92
CA THR B 280 -8.22 12.62 -1.96
C THR B 280 -8.86 11.70 -2.98
N GLY B 281 -8.39 10.45 -3.09
CA GLY B 281 -8.70 9.63 -4.24
C GLY B 281 -8.05 10.22 -5.48
N ALA B 282 -8.34 9.59 -6.62
CA ALA B 282 -7.76 10.02 -7.89
C ALA B 282 -8.57 11.19 -8.46
N GLU B 283 -8.65 12.25 -7.66
CA GLU B 283 -9.48 13.40 -7.95
C GLU B 283 -8.70 14.70 -7.96
N THR B 284 -7.39 14.65 -7.79
CA THR B 284 -6.60 15.85 -7.89
C THR B 284 -6.48 16.30 -9.35
N ALA B 285 -5.96 17.50 -9.53
CA ALA B 285 -5.98 18.14 -10.85
C ALA B 285 -5.21 17.34 -11.89
N GLU B 286 -4.15 16.65 -11.48
CA GLU B 286 -3.34 15.87 -12.40
C GLU B 286 -4.16 14.82 -13.15
N PHE B 287 -5.19 14.28 -12.51
CA PHE B 287 -5.99 13.21 -13.11
C PHE B 287 -7.24 13.71 -13.78
N ARG B 288 -7.44 15.02 -13.82
CA ARG B 288 -8.70 15.61 -14.22
C ARG B 288 -8.51 16.53 -15.40
N ASN B 289 -9.47 16.51 -16.31
CA ASN B 289 -9.47 17.44 -17.40
C ASN B 289 -9.80 18.85 -16.92
N GLU B 290 -9.45 19.84 -17.74
CA GLU B 290 -9.49 21.24 -17.37
C GLU B 290 -10.57 21.97 -18.16
N THR B 291 -11.33 22.83 -17.46
CA THR B 291 -12.35 23.67 -18.08
C THR B 291 -11.88 25.09 -18.32
N ALA B 292 -10.63 25.41 -17.94
CA ALA B 292 -10.11 26.75 -18.12
C ALA B 292 -10.02 27.10 -19.60
N GLY B 293 -10.06 28.40 -19.88
CA GLY B 293 -9.77 28.91 -21.21
C GLY B 293 -8.46 28.34 -21.75
N ILE B 294 -8.31 28.33 -23.07
CA ILE B 294 -7.22 27.58 -23.70
C ILE B 294 -5.87 28.06 -23.20
N ALA B 295 -5.69 29.37 -23.06
CA ALA B 295 -4.40 29.91 -22.66
C ALA B 295 -4.00 29.46 -21.27
N GLY B 296 -4.98 29.11 -20.43
CA GLY B 296 -4.73 28.64 -19.08
C GLY B 296 -4.58 27.15 -18.93
N LYS B 297 -4.89 26.37 -19.96
CA LYS B 297 -4.70 24.92 -19.90
C LYS B 297 -3.24 24.56 -19.79
N THR B 298 -2.96 23.49 -19.06
CA THR B 298 -1.59 23.02 -18.84
C THR B 298 -0.79 22.93 -20.13
N GLY B 299 0.40 23.53 -20.12
CA GLY B 299 1.33 23.43 -21.22
C GLY B 299 1.09 24.37 -22.38
N VAL B 300 -0.08 25.02 -22.45
CA VAL B 300 -0.43 25.75 -23.65
C VAL B 300 0.38 27.03 -23.77
N THR B 301 0.44 27.82 -22.69
CA THR B 301 1.12 29.12 -22.77
C THR B 301 2.61 28.96 -23.02
N LYS B 302 3.26 28.03 -22.31
CA LYS B 302 4.68 27.81 -22.54
C LYS B 302 4.95 27.39 -23.98
N LEU B 303 4.08 26.55 -24.54
CA LEU B 303 4.28 26.11 -25.92
C LEU B 303 4.01 27.24 -26.90
N VAL B 304 2.93 28.01 -26.69
CA VAL B 304 2.64 29.14 -27.58
C VAL B 304 3.77 30.15 -27.54
N GLU B 305 4.35 30.38 -26.35
CA GLU B 305 5.46 31.33 -26.23
C GLU B 305 6.67 30.87 -27.02
N GLU B 306 7.13 29.64 -26.78
CA GLU B 306 8.38 29.18 -27.39
C GLU B 306 8.20 28.94 -28.88
N ALA B 307 7.16 28.19 -29.26
CA ALA B 307 7.02 27.73 -30.64
C ALA B 307 6.46 28.82 -31.55
N LEU B 308 5.52 29.62 -31.06
CA LEU B 308 4.84 30.62 -31.90
C LEU B 308 5.12 32.04 -31.40
N GLU B 322 -3.17 34.88 -30.57
CA GLU B 322 -2.47 33.87 -31.39
C GLU B 322 -3.24 32.54 -31.49
N LEU B 323 -3.90 32.13 -30.40
CA LEU B 323 -4.66 30.89 -30.43
C LEU B 323 -5.81 30.92 -31.42
N LYS B 324 -6.31 32.10 -31.77
CA LYS B 324 -7.40 32.18 -32.74
C LYS B 324 -6.98 31.68 -34.12
N LYS B 325 -5.68 31.72 -34.42
CA LYS B 325 -5.18 31.22 -35.71
C LYS B 325 -5.38 29.73 -35.89
N TYR B 326 -5.70 29.00 -34.82
CA TYR B 326 -5.82 27.55 -34.90
C TYR B 326 -7.11 27.02 -34.30
N PHE B 327 -7.58 27.62 -33.21
CA PHE B 327 -8.83 27.21 -32.56
C PHE B 327 -10.01 28.09 -32.92
N SER B 328 -9.80 29.16 -33.69
CA SER B 328 -10.82 30.16 -33.97
C SER B 328 -11.35 30.82 -32.70
N GLY B 329 -10.50 30.93 -31.70
CA GLY B 329 -10.89 31.47 -30.41
C GLY B 329 -9.93 31.02 -29.34
N HIS B 330 -10.27 31.33 -28.09
CA HIS B 330 -9.43 30.97 -26.96
C HIS B 330 -10.23 30.48 -25.76
N GLU B 331 -11.51 30.15 -25.95
CA GLU B 331 -12.35 29.63 -24.89
C GLU B 331 -12.49 28.11 -25.00
N ASN B 332 -13.04 27.51 -23.94
CA ASN B 332 -13.16 26.06 -23.87
C ASN B 332 -13.99 25.50 -25.01
N GLU B 333 -14.97 26.27 -25.49
CA GLU B 333 -15.81 25.81 -26.59
C GLU B 333 -14.98 25.56 -27.85
N GLN B 334 -13.98 26.42 -28.10
CA GLN B 334 -13.14 26.21 -29.28
C GLN B 334 -12.20 25.02 -29.09
N TRP B 335 -11.75 24.77 -27.85
CA TRP B 335 -10.99 23.56 -27.56
C TRP B 335 -11.81 22.31 -27.88
N THR B 336 -13.03 22.24 -27.35
CA THR B 336 -13.85 21.06 -27.57
C THR B 336 -14.18 20.87 -29.04
N ALA B 337 -14.25 21.97 -29.79
CA ALA B 337 -14.46 21.87 -31.24
C ALA B 337 -13.33 21.10 -31.91
N ILE B 338 -12.08 21.44 -31.59
CA ILE B 338 -10.94 20.72 -32.14
C ILE B 338 -10.93 19.28 -31.65
N GLU B 339 -11.27 19.05 -30.38
CA GLU B 339 -11.36 17.68 -29.87
C GLU B 339 -12.36 16.87 -30.69
N LYS B 340 -13.50 17.47 -31.05
CA LYS B 340 -14.46 16.77 -31.89
C LYS B 340 -13.85 16.40 -33.24
N LEU B 341 -13.16 17.36 -33.87
CA LEU B 341 -12.46 17.08 -35.12
C LEU B 341 -11.49 15.91 -34.97
N ILE B 342 -10.73 15.90 -33.87
CA ILE B 342 -9.78 14.80 -33.62
C ILE B 342 -10.53 13.48 -33.48
N SER B 343 -11.60 13.47 -32.69
CA SER B 343 -12.31 12.22 -32.41
C SER B 343 -12.99 11.64 -33.64
N GLU B 344 -13.45 12.49 -34.56
CA GLU B 344 -14.14 12.03 -35.76
C GLU B 344 -13.20 11.66 -36.90
N GLN B 345 -11.90 11.84 -36.72
CA GLN B 345 -10.93 11.57 -37.79
C GLN B 345 -10.79 10.07 -38.04
N PRO B 346 -11.04 9.60 -39.26
CA PRO B 346 -10.86 8.17 -39.56
C PRO B 346 -9.40 7.80 -39.75
N VAL B 347 -9.10 6.55 -39.42
CA VAL B 347 -7.73 6.03 -39.50
C VAL B 347 -7.49 5.29 -40.80
N THR B 358 -13.35 2.76 -36.49
CA THR B 358 -12.96 3.47 -37.69
C THR B 358 -12.48 4.89 -37.36
N LYS B 359 -13.08 5.50 -36.36
CA LYS B 359 -12.75 6.85 -35.94
C LYS B 359 -11.79 6.81 -34.76
N LEU B 360 -10.91 7.82 -34.69
CA LEU B 360 -9.95 7.90 -33.60
C LEU B 360 -10.65 7.86 -32.24
N GLY B 361 -11.75 8.58 -32.11
CA GLY B 361 -12.50 8.60 -30.87
C GLY B 361 -12.96 7.22 -30.42
N GLU B 362 -13.11 6.29 -31.36
CA GLU B 362 -13.54 4.94 -31.04
C GLU B 362 -12.39 4.01 -30.71
N LEU B 363 -11.15 4.41 -30.99
CA LEU B 363 -9.98 3.61 -30.64
C LEU B 363 -9.49 3.97 -29.25
N GLU B 364 -9.12 2.95 -28.47
CA GLU B 364 -8.60 3.16 -27.13
C GLU B 364 -7.52 2.12 -26.84
N GLY B 365 -6.70 2.41 -25.81
CA GLY B 365 -5.58 1.57 -25.46
C GLY B 365 -4.25 2.20 -25.84
N ASN B 366 -3.33 2.40 -24.88
CA ASN B 366 -2.12 3.17 -25.16
C ASN B 366 -1.27 2.49 -26.22
N ALA B 367 -0.97 1.20 -26.04
CA ALA B 367 -0.06 0.54 -26.96
C ALA B 367 -0.62 0.49 -28.36
N LYS B 368 -1.94 0.27 -28.49
CA LYS B 368 -2.58 0.28 -29.79
C LYS B 368 -2.41 1.63 -30.48
N LEU B 369 -2.76 2.72 -29.80
CA LEU B 369 -2.68 4.04 -30.41
C LEU B 369 -1.24 4.47 -30.63
N THR B 370 -0.31 3.95 -29.83
CA THR B 370 1.11 4.26 -30.03
C THR B 370 1.61 3.70 -31.36
N THR B 371 1.22 2.47 -31.68
CA THR B 371 1.67 1.86 -32.94
C THR B 371 1.01 2.53 -34.14
N ILE B 372 -0.24 2.97 -34.01
CA ILE B 372 -0.87 3.75 -35.07
C ILE B 372 -0.12 5.06 -35.28
N LEU B 373 0.19 5.76 -34.19
CA LEU B 373 0.95 7.01 -34.32
C LEU B 373 2.28 6.76 -35.02
N ALA B 374 2.96 5.67 -34.67
CA ALA B 374 4.25 5.35 -35.27
C ALA B 374 4.11 5.07 -36.76
N TYR B 375 2.98 4.49 -37.18
CA TYR B 375 2.71 4.29 -38.60
C TYR B 375 2.65 5.62 -39.33
N TYR B 376 1.91 6.58 -38.79
CA TYR B 376 1.75 7.86 -39.47
C TYR B 376 3.01 8.72 -39.36
N ARG B 377 3.81 8.54 -38.31
CA ARG B 377 5.12 9.20 -38.28
C ARG B 377 6.04 8.64 -39.35
N MET B 378 5.97 7.32 -39.58
CA MET B 378 6.69 6.74 -40.71
C MET B 378 6.21 7.33 -42.02
N GLU B 379 4.89 7.46 -42.17
CA GLU B 379 4.32 8.05 -43.38
C GLU B 379 4.82 9.49 -43.57
N THR B 380 4.90 10.26 -42.48
CA THR B 380 5.42 11.62 -42.58
C THR B 380 6.87 11.62 -43.01
N ALA B 381 7.69 10.74 -42.41
CA ALA B 381 9.07 10.59 -42.84
C ALA B 381 9.19 10.33 -44.33
N GLY B 382 8.13 9.81 -44.95
CA GLY B 382 8.11 9.69 -46.40
C GLY B 382 8.26 11.03 -47.09
N LYS B 383 7.63 12.06 -46.56
CA LYS B 383 7.76 13.40 -47.11
C LYS B 383 8.94 14.14 -46.50
C1 NAG C . 16.44 1.56 -21.23
C2 NAG C . 16.40 2.45 -19.99
C3 NAG C . 16.46 3.93 -20.40
C4 NAG C . 17.70 4.17 -21.26
C5 NAG C . 17.72 3.22 -22.46
C6 NAG C . 19.01 3.26 -23.24
C7 NAG C . 15.26 1.94 -17.90
C8 NAG C . 13.95 1.63 -17.24
N2 NAG C . 15.22 2.18 -19.22
O3 NAG C . 16.51 4.77 -19.26
O4 NAG C . 17.72 5.52 -21.74
O5 NAG C . 17.58 1.87 -22.02
O6 NAG C . 18.85 2.58 -24.48
O7 NAG C . 16.30 2.01 -17.27
C1 NAG C . 19.04 6.06 -21.53
C2 NAG C . 19.28 7.19 -22.53
C3 NAG C . 20.69 7.76 -22.36
C4 NAG C . 21.01 8.04 -20.90
C5 NAG C . 20.55 6.92 -19.96
C6 NAG C . 20.63 7.29 -18.50
C7 NAG C . 18.09 7.13 -24.68
C8 NAG C . 18.03 6.54 -26.06
N2 NAG C . 19.09 6.72 -23.90
O3 NAG C . 20.81 8.94 -23.14
O4 NAG C . 22.43 8.08 -20.75
O5 NAG C . 19.19 6.55 -20.22
O6 NAG C . 19.43 7.93 -18.07
O7 NAG C . 17.25 7.94 -24.29
C1 BMA C . 23.02 9.35 -20.97
C2 BMA C . 23.47 9.82 -19.58
C3 BMA C . 24.31 11.08 -19.72
C4 BMA C . 25.48 10.81 -20.67
C5 BMA C . 24.92 10.40 -22.05
C6 BMA C . 26.01 10.08 -23.05
O2 BMA C . 24.31 8.84 -19.01
O3 BMA C . 24.77 11.56 -18.45
O4 BMA C . 26.27 11.99 -20.82
O5 BMA C . 24.11 9.22 -21.88
O6 BMA C . 26.83 11.23 -23.18
C1 NAG D . -10.19 14.21 -20.91
C2 NAG D . -10.38 12.71 -20.69
C3 NAG D . -10.17 11.97 -22.01
C4 NAG D . -11.08 12.53 -23.09
C5 NAG D . -10.86 14.02 -23.24
C6 NAG D . -11.84 14.70 -24.18
C7 NAG D . -9.84 11.48 -18.64
C8 NAG D . -8.75 11.04 -17.70
N2 NAG D . -9.46 12.23 -19.69
O3 NAG D . -10.37 10.57 -21.84
O4 NAG D . -10.81 11.88 -24.34
O5 NAG D . -11.05 14.66 -21.96
O6 NAG D . -13.15 14.61 -23.65
O7 NAG D . -11.00 11.17 -18.47
C1 NAG D . -12.04 11.43 -24.91
C2 NAG D . -11.89 11.38 -26.43
C3 NAG D . -13.22 11.01 -27.05
C4 NAG D . -13.80 9.75 -26.39
C5 NAG D . -13.68 9.77 -24.86
C6 NAG D . -13.98 8.43 -24.22
C7 NAG D . -10.17 12.86 -27.40
C8 NAG D . -9.86 14.23 -27.91
N2 NAG D . -11.42 12.65 -26.95
O3 NAG D . -13.05 10.80 -28.44
O4 NAG D . -15.19 9.71 -26.68
O5 NAG D . -12.38 10.13 -24.44
O6 NAG D . -12.88 7.54 -24.31
O7 NAG D . -9.32 11.96 -27.38
C1 BMA D . -15.48 8.59 -27.54
C2 BMA D . -16.49 7.70 -26.80
C3 BMA D . -17.00 6.62 -27.70
C4 BMA D . -17.47 7.20 -29.06
C5 BMA D . -16.35 8.05 -29.69
C6 BMA D . -16.78 8.75 -30.96
O2 BMA D . -17.65 8.45 -26.45
O3 BMA D . -18.06 5.89 -27.06
O4 BMA D . -17.85 6.18 -29.95
O5 BMA D . -15.99 9.07 -28.77
O6 BMA D . -18.03 9.36 -30.65
C1 MAN D . -18.67 9.87 -31.83
C2 MAN D . -19.96 10.58 -31.37
C3 MAN D . -20.92 9.55 -30.76
C4 MAN D . -21.16 8.37 -31.72
C5 MAN D . -19.82 7.76 -32.17
C6 MAN D . -19.96 6.68 -33.22
O2 MAN D . -20.67 11.19 -32.46
O3 MAN D . -22.16 10.14 -30.36
O4 MAN D . -21.91 7.36 -31.09
O5 MAN D . -18.96 8.80 -32.71
O6 MAN D . -20.15 7.29 -34.50
CA CA E . 13.53 -16.14 37.43
CA CA F . -24.65 -11.97 33.75
#